data_5EU4
#
_entry.id   5EU4
#
_cell.length_a   56.080
_cell.length_b   57.630
_cell.length_c   79.930
_cell.angle_alpha   90.000
_cell.angle_beta   89.810
_cell.angle_gamma   63.840
#
_symmetry.space_group_name_H-M   'P 1'
#
loop_
_entity.id
_entity.type
_entity.pdbx_description
1 polymer 'HLA class I histocompatibility antigen, A-2 alpha chain'
2 polymer Beta-2-microglobulin
3 polymer 'Peptide antigen YLAPGPVTA'
4 non-polymer GLYCEROL
5 non-polymer 1,2-ETHANEDIOL
6 non-polymer 'SULFATE ION'
7 water water
#
loop_
_entity_poly.entity_id
_entity_poly.type
_entity_poly.pdbx_seq_one_letter_code
_entity_poly.pdbx_strand_id
1 'polypeptide(L)'
;GSHSMRYFFTSVSRPGRGEPRFIAVGYVDDTQFVRFDSDAASQRMEPRAPWIEQEGPEYWDGETRKVKAHSQTHRVDLGT
LRGYYNQSEAGSHTVQRMYGCDVGSDWRFLRGYHQYAYDGKDYIALKEDLRSWTAADMAAQTTKHKWEAAHVAEQLRAYL
EGTCVEWLRRYLENGKETLQRTDAPKTHMTHHAVSDHEATLRCWALSFYPAEITLTWQRDGEDQTQDTELVETRPAGDGT
FQKWAAVVVPSGQEQRYTCHVQHEGLPKPLTLRWEP
;
A,D
2 'polypeptide(L)'
;MIQRTPKIQVYSRHPAENGKSNFLNCYVSGFHPSDIEVDLLKNGERIEKVEHSDLSFSKDWSFYLLYYTEFTPTEKDEYA
CRVNHVTLSQPKIVKWDRDM
;
B,E
3 'polypeptide(L)' YLAPGPVTA C,F
#
loop_
_chem_comp.id
_chem_comp.type
_chem_comp.name
_chem_comp.formula
EDO non-polymer 1,2-ETHANEDIOL 'C2 H6 O2'
GOL non-polymer GLYCEROL 'C3 H8 O3'
SO4 non-polymer 'SULFATE ION' 'O4 S -2'
#
# COMPACT_ATOMS: atom_id res chain seq x y z
N GLY A 1 23.96 4.39 32.15
CA GLY A 1 24.95 4.65 31.05
C GLY A 1 24.27 5.50 30.03
N SER A 2 24.75 5.39 28.79
CA SER A 2 24.31 6.20 27.67
C SER A 2 22.87 5.81 27.16
N HIS A 3 22.09 6.73 26.54
CA HIS A 3 20.77 6.37 25.98
C HIS A 3 20.54 7.07 24.68
N SER A 4 19.60 6.54 23.91
CA SER A 4 19.22 7.08 22.63
C SER A 4 17.70 6.94 22.41
N MET A 5 17.17 7.85 21.63
CA MET A 5 15.89 7.71 21.05
C MET A 5 16.05 7.85 19.53
N ARG A 6 15.47 6.88 18.80
CA ARG A 6 15.62 6.73 17.31
C ARG A 6 14.32 6.33 16.62
N TYR A 7 14.06 6.94 15.50
CA TYR A 7 12.96 6.57 14.66
C TYR A 7 13.46 6.10 13.33
N PHE A 8 12.77 5.09 12.82
CA PHE A 8 13.04 4.41 11.60
C PHE A 8 11.78 4.48 10.74
N PHE A 9 11.96 4.82 9.48
CA PHE A 9 10.86 4.96 8.53
C PHE A 9 11.24 4.27 7.25
N THR A 10 10.30 3.49 6.69
CA THR A 10 10.49 2.82 5.44
C THR A 10 9.23 3.09 4.59
N SER A 11 9.40 3.46 3.31
CA SER A 11 8.36 3.54 2.33
C SER A 11 8.71 2.75 1.09
N VAL A 12 7.77 1.94 0.55
CA VAL A 12 8.01 1.11 -0.60
C VAL A 12 6.93 1.41 -1.64
N SER A 13 7.29 1.91 -2.82
CA SER A 13 6.29 2.26 -3.84
C SER A 13 5.58 0.99 -4.41
N ARG A 14 4.32 1.15 -4.82
CA ARG A 14 3.47 0.08 -5.34
C ARG A 14 2.94 0.55 -6.68
N PRO A 15 3.78 0.47 -7.70
CA PRO A 15 3.46 0.96 -9.03
C PRO A 15 2.19 0.44 -9.61
N GLY A 16 1.78 -0.76 -9.23
CA GLY A 16 0.59 -1.33 -9.79
C GLY A 16 -0.69 -0.61 -9.43
N ARG A 17 -0.80 -0.17 -8.18
CA ARG A 17 -1.98 0.47 -7.74
C ARG A 17 -1.72 1.01 -6.38
N GLY A 18 -2.12 2.25 -6.17
CA GLY A 18 -2.20 2.85 -4.86
C GLY A 18 -0.97 3.49 -4.37
N GLU A 19 -0.95 3.80 -3.08
CA GLU A 19 0.08 4.57 -2.42
C GLU A 19 1.19 3.65 -1.87
N PRO A 20 2.31 4.25 -1.49
CA PRO A 20 3.36 3.44 -0.97
C PRO A 20 3.00 2.82 0.37
N ARG A 21 3.57 1.65 0.62
CA ARG A 21 3.51 1.04 1.92
C ARG A 21 4.51 1.83 2.81
N PHE A 22 4.09 2.25 3.99
CA PHE A 22 4.86 3.02 4.89
C PHE A 22 4.84 2.39 6.31
N ILE A 23 6.02 2.15 6.86
CA ILE A 23 6.17 1.62 8.22
C ILE A 23 7.14 2.46 9.01
N ALA A 24 6.71 2.92 10.19
CA ALA A 24 7.53 3.71 11.09
C ALA A 24 7.61 2.97 12.43
N VAL A 25 8.82 2.94 13.01
CA VAL A 25 9.02 2.46 14.36
C VAL A 25 9.87 3.48 15.14
N GLY A 26 9.54 3.60 16.42
CA GLY A 26 10.39 4.33 17.35
C GLY A 26 10.98 3.41 18.38
N TYR A 27 12.21 3.75 18.81
CA TYR A 27 12.89 3.03 19.87
C TYR A 27 13.46 3.97 20.91
N VAL A 28 13.45 3.51 22.16
CA VAL A 28 14.37 4.01 23.19
C VAL A 28 15.37 2.93 23.41
N ASP A 29 16.64 3.23 23.20
CA ASP A 29 17.68 2.17 23.30
C ASP A 29 17.28 1.00 22.42
N ASP A 30 17.26 -0.22 22.92
CA ASP A 30 16.84 -1.37 22.15
C ASP A 30 15.36 -1.78 22.42
N THR A 31 14.56 -0.87 22.94
CA THR A 31 13.15 -1.13 23.22
C THR A 31 12.31 -0.35 22.20
N GLN A 32 11.61 -1.08 21.35
CA GLN A 32 10.52 -0.49 20.54
C GLN A 32 9.32 0.02 21.35
N PHE A 33 8.89 1.25 21.12
CA PHE A 33 7.80 1.80 21.93
C PHE A 33 6.61 2.28 21.17
N VAL A 34 6.74 2.56 19.89
CA VAL A 34 5.69 2.92 19.08
C VAL A 34 5.87 2.34 17.68
N ARG A 35 4.75 2.26 16.94
CA ARG A 35 4.73 1.93 15.51
C ARG A 35 3.61 2.66 14.73
N PHE A 36 3.81 2.74 13.43
CA PHE A 36 2.76 3.07 12.54
C PHE A 36 2.92 2.25 11.31
N ASP A 37 1.82 1.75 10.84
CA ASP A 37 1.80 1.00 9.58
C ASP A 37 0.64 1.46 8.74
N SER A 38 0.91 1.91 7.52
CA SER A 38 -0.12 2.39 6.59
C SER A 38 -1.17 1.32 6.25
N ASP A 39 -0.79 0.04 6.32
CA ASP A 39 -1.72 -1.00 6.02
C ASP A 39 -2.57 -1.45 7.21
N ALA A 40 -2.35 -0.96 8.43
CA ALA A 40 -3.17 -1.42 9.57
C ALA A 40 -4.44 -0.56 9.52
N ALA A 41 -5.46 -1.07 10.18
CA ALA A 41 -6.79 -0.44 10.27
C ALA A 41 -6.83 0.88 11.06
N SER A 42 -6.07 1.00 12.13
CA SER A 42 -6.22 2.17 13.02
C SER A 42 -5.87 3.49 12.25
N GLN A 43 -4.90 3.43 11.36
CA GLN A 43 -4.32 4.68 10.86
C GLN A 43 -3.88 5.65 12.02
N ARG A 44 -3.34 5.08 13.07
CA ARG A 44 -2.82 5.82 14.22
C ARG A 44 -1.47 5.26 14.60
N MET A 45 -0.64 6.15 15.15
CA MET A 45 0.55 5.77 15.90
C MET A 45 0.08 4.93 17.07
N GLU A 46 0.66 3.74 17.23
CA GLU A 46 0.24 2.76 18.22
C GLU A 46 1.37 2.49 19.24
N PRO A 47 1.03 2.32 20.56
CA PRO A 47 2.00 1.89 21.54
C PRO A 47 2.45 0.47 21.39
N ARG A 48 3.73 0.21 21.66
N ARG A 48 3.73 0.21 21.66
CA ARG A 48 4.31 -1.14 21.68
CA ARG A 48 4.29 -1.15 21.68
C ARG A 48 5.10 -1.37 22.99
C ARG A 48 5.10 -1.37 22.99
N ALA A 49 4.94 -0.50 24.00
CA ALA A 49 5.53 -0.70 25.33
C ALA A 49 4.59 -0.17 26.36
N PRO A 50 4.47 -0.81 27.53
CA PRO A 50 3.47 -0.30 28.49
C PRO A 50 3.61 1.14 29.00
N TRP A 51 4.82 1.60 29.17
CA TRP A 51 5.07 2.89 29.77
C TRP A 51 4.71 4.10 28.84
N ILE A 52 4.54 3.86 27.53
CA ILE A 52 4.08 4.95 26.65
C ILE A 52 2.56 5.09 26.68
N GLU A 53 1.86 4.06 27.15
CA GLU A 53 0.38 4.12 27.21
C GLU A 53 -0.11 5.19 28.18
N GLN A 54 0.69 5.49 29.17
CA GLN A 54 0.57 6.69 30.00
C GLN A 54 0.13 7.92 29.22
N GLU A 55 0.69 8.16 28.04
CA GLU A 55 0.47 9.44 27.38
C GLU A 55 -1.00 9.70 26.97
N GLY A 56 -1.46 10.94 27.15
CA GLY A 56 -2.86 11.27 26.93
C GLY A 56 -3.20 11.38 25.44
N PRO A 57 -4.47 11.62 25.13
CA PRO A 57 -4.90 11.66 23.73
C PRO A 57 -4.28 12.76 22.84
N GLU A 58 -3.89 13.90 23.41
CA GLU A 58 -3.16 14.93 22.63
C GLU A 58 -1.78 14.46 22.17
N TYR A 59 -1.08 13.64 22.97
CA TYR A 59 0.17 13.03 22.56
C TYR A 59 -0.07 12.21 21.28
N TRP A 60 -1.03 11.31 21.37
CA TRP A 60 -1.34 10.39 20.29
C TRP A 60 -1.90 11.07 19.09
N ASP A 61 -2.68 12.14 19.28
CA ASP A 61 -3.16 12.94 18.11
C ASP A 61 -2.00 13.56 17.38
N GLY A 62 -1.17 14.24 18.16
CA GLY A 62 0.06 14.83 17.67
C GLY A 62 0.99 13.91 16.95
N GLU A 63 1.24 12.72 17.50
CA GLU A 63 2.18 11.84 16.89
C GLU A 63 1.62 11.24 15.61
N THR A 64 0.32 10.99 15.63
CA THR A 64 -0.36 10.52 14.47
C THR A 64 -0.31 11.54 13.33
N ARG A 65 -0.62 12.82 13.59
CA ARG A 65 -0.48 13.84 12.54
C ARG A 65 0.96 13.92 12.00
N LYS A 66 1.97 13.86 12.89
CA LYS A 66 3.35 13.96 12.43
C LYS A 66 3.78 12.77 11.60
N VAL A 67 3.37 11.57 11.99
CA VAL A 67 3.83 10.44 11.26
C VAL A 67 3.21 10.37 9.88
N LYS A 68 1.99 10.85 9.72
CA LYS A 68 1.34 10.90 8.44
C LYS A 68 2.03 11.92 7.58
N ALA A 69 2.49 13.01 8.20
CA ALA A 69 3.27 14.01 7.43
C ALA A 69 4.54 13.42 6.91
N HIS A 70 5.18 12.55 7.72
CA HIS A 70 6.37 11.84 7.25
C HIS A 70 6.03 10.94 6.04
N SER A 71 4.92 10.16 6.13
CA SER A 71 4.58 9.23 5.02
C SER A 71 4.33 10.03 3.74
N GLN A 72 3.72 11.21 3.84
CA GLN A 72 3.43 11.99 2.60
C GLN A 72 4.72 12.57 1.98
N THR A 73 5.64 13.05 2.82
CA THR A 73 6.94 13.50 2.33
C THR A 73 7.65 12.37 1.61
N HIS A 74 7.71 11.18 2.19
CA HIS A 74 8.27 10.04 1.50
C HIS A 74 7.62 9.68 0.16
N ARG A 75 6.30 9.78 0.13
CA ARG A 75 5.57 9.52 -1.08
C ARG A 75 5.96 10.54 -2.18
N VAL A 76 6.02 11.80 -1.86
CA VAL A 76 6.51 12.78 -2.81
C VAL A 76 7.98 12.43 -3.24
N ASP A 77 8.84 12.07 -2.28
CA ASP A 77 10.24 11.75 -2.57
C ASP A 77 10.42 10.56 -3.49
N LEU A 78 9.64 9.51 -3.32
CA LEU A 78 9.63 8.44 -4.25
C LEU A 78 9.39 8.87 -5.73
N GLY A 79 8.42 9.76 -5.98
CA GLY A 79 8.21 10.34 -7.30
C GLY A 79 9.37 11.23 -7.75
N THR A 80 9.84 12.15 -6.92
CA THR A 80 10.97 13.03 -7.27
C THR A 80 12.27 12.27 -7.58
N LEU A 81 12.62 11.29 -6.74
CA LEU A 81 13.84 10.52 -7.00
C LEU A 81 13.74 9.62 -8.21
N ARG A 82 12.56 9.10 -8.53
CA ARG A 82 12.46 8.26 -9.70
C ARG A 82 12.84 9.14 -10.95
N GLY A 83 12.36 10.38 -10.95
CA GLY A 83 12.72 11.38 -12.01
C GLY A 83 14.17 11.79 -11.93
N TYR A 84 14.70 12.11 -10.75
CA TYR A 84 16.15 12.45 -10.69
C TYR A 84 17.07 11.34 -11.19
N TYR A 85 16.69 10.09 -10.96
CA TYR A 85 17.46 8.92 -11.44
C TYR A 85 16.96 8.32 -12.77
N ASN A 86 16.00 8.96 -13.41
CA ASN A 86 15.57 8.50 -14.71
C ASN A 86 15.10 7.03 -14.76
N GLN A 87 14.36 6.61 -13.76
CA GLN A 87 13.86 5.25 -13.67
C GLN A 87 12.47 5.20 -14.25
N SER A 88 12.01 4.02 -14.67
CA SER A 88 10.62 3.91 -15.21
C SER A 88 9.63 3.90 -14.05
N GLU A 89 8.39 4.18 -14.38
CA GLU A 89 7.35 4.06 -13.35
C GLU A 89 6.95 2.60 -13.10
N ALA A 90 7.54 1.62 -13.79
CA ALA A 90 7.14 0.23 -13.64
C ALA A 90 7.64 -0.44 -12.36
N GLY A 91 8.79 -0.03 -11.82
CA GLY A 91 9.43 -0.75 -10.69
C GLY A 91 9.13 -0.17 -9.30
N SER A 92 9.23 -1.00 -8.28
CA SER A 92 9.08 -0.64 -6.93
C SER A 92 10.44 -0.12 -6.40
N HIS A 93 10.39 0.99 -5.66
CA HIS A 93 11.54 1.61 -5.06
C HIS A 93 11.28 1.90 -3.57
N THR A 94 12.35 2.14 -2.84
CA THR A 94 12.29 2.24 -1.43
C THR A 94 13.03 3.47 -0.98
N VAL A 95 12.43 4.18 -0.02
CA VAL A 95 13.12 5.24 0.66
C VAL A 95 13.18 4.87 2.19
N GLN A 96 14.28 5.18 2.86
CA GLN A 96 14.46 4.85 4.26
C GLN A 96 15.02 6.05 4.96
N ARG A 97 14.54 6.31 6.17
CA ARG A 97 14.95 7.46 6.95
C ARG A 97 15.17 7.02 8.39
N MET A 98 16.20 7.59 9.05
CA MET A 98 16.46 7.28 10.43
C MET A 98 16.98 8.55 11.04
N TYR A 99 16.40 8.92 12.19
CA TYR A 99 16.93 9.98 12.94
C TYR A 99 16.77 9.75 14.44
N GLY A 100 17.49 10.55 15.18
CA GLY A 100 17.41 10.50 16.62
C GLY A 100 18.57 11.22 17.32
N CYS A 101 18.56 11.11 18.66
CA CYS A 101 19.54 11.67 19.54
C CYS A 101 20.06 10.64 20.57
N ASP A 102 21.30 10.88 20.99
CA ASP A 102 21.93 10.18 22.09
C ASP A 102 22.17 11.14 23.23
N VAL A 103 22.09 10.63 24.43
CA VAL A 103 22.54 11.36 25.60
C VAL A 103 23.51 10.46 26.35
N GLY A 104 24.36 11.12 27.13
CA GLY A 104 25.36 10.43 27.96
C GLY A 104 24.69 9.98 29.25
N SER A 105 25.51 9.40 30.14
CA SER A 105 25.19 9.12 31.54
C SER A 105 24.49 10.18 32.30
N ASP A 106 24.91 11.40 32.03
CA ASP A 106 24.34 12.57 32.65
C ASP A 106 22.99 12.98 32.04
N TRP A 107 22.51 12.26 31.03
CA TRP A 107 21.33 12.58 30.27
C TRP A 107 21.36 13.92 29.53
N ARG A 108 22.56 14.46 29.28
CA ARG A 108 22.75 15.63 28.44
C ARG A 108 23.01 15.17 27.03
N PHE A 109 22.63 16.04 26.10
CA PHE A 109 22.86 15.82 24.66
C PHE A 109 24.30 15.36 24.37
N LEU A 110 24.46 14.25 23.69
CA LEU A 110 25.77 13.84 23.19
C LEU A 110 25.88 14.05 21.67
N ARG A 111 24.90 13.57 20.93
CA ARG A 111 24.89 13.70 19.47
C ARG A 111 23.51 13.49 18.88
N GLY A 112 23.37 13.96 17.65
CA GLY A 112 22.17 13.76 16.88
C GLY A 112 22.51 13.37 15.43
N TYR A 113 21.54 12.82 14.73
CA TYR A 113 21.77 12.26 13.40
C TYR A 113 20.42 12.22 12.68
N HIS A 114 20.54 12.30 11.36
CA HIS A 114 19.39 12.23 10.51
C HIS A 114 19.87 11.74 9.19
N GLN A 115 19.51 10.53 8.80
CA GLN A 115 19.99 9.99 7.53
C GLN A 115 18.91 9.42 6.65
N TYR A 116 19.17 9.40 5.35
CA TYR A 116 18.14 9.11 4.31
C TYR A 116 18.80 8.26 3.22
N ALA A 117 18.09 7.25 2.77
CA ALA A 117 18.55 6.35 1.74
C ALA A 117 17.51 6.06 0.71
N TYR A 118 17.99 5.76 -0.49
CA TYR A 118 17.16 5.42 -1.64
C TYR A 118 17.64 4.08 -2.18
N ASP A 119 16.72 3.18 -2.36
CA ASP A 119 17.01 1.79 -2.76
C ASP A 119 18.16 1.14 -2.01
N GLY A 120 18.22 1.37 -0.69
CA GLY A 120 19.21 0.73 0.09
C GLY A 120 20.60 1.34 0.11
N LYS A 121 20.78 2.52 -0.44
CA LYS A 121 22.06 3.23 -0.46
C LYS A 121 21.92 4.61 0.11
N ASP A 122 22.97 5.06 0.76
CA ASP A 122 23.07 6.43 1.24
C ASP A 122 22.69 7.43 0.18
N TYR A 123 21.80 8.34 0.58
CA TYR A 123 21.40 9.43 -0.28
C TYR A 123 21.92 10.74 0.32
N ILE A 124 21.40 11.15 1.49
CA ILE A 124 21.84 12.37 2.15
C ILE A 124 21.85 12.15 3.68
N ALA A 125 22.75 12.79 4.39
CA ALA A 125 22.80 12.66 5.83
C ALA A 125 23.21 13.97 6.47
N LEU A 126 22.71 14.23 7.68
CA LEU A 126 23.12 15.42 8.43
C LEU A 126 24.52 15.17 8.99
N LYS A 127 25.42 16.13 8.93
CA LYS A 127 26.78 15.95 9.52
C LYS A 127 26.73 16.10 11.04
N GLU A 128 27.73 15.60 11.72
CA GLU A 128 27.78 15.62 13.21
C GLU A 128 27.58 17.03 13.82
N ASP A 129 28.09 18.09 13.19
CA ASP A 129 27.81 19.46 13.66
C ASP A 129 26.34 19.95 13.56
N LEU A 130 25.48 19.20 12.89
CA LEU A 130 24.11 19.49 12.67
C LEU A 130 23.85 20.80 11.95
N ARG A 131 24.82 21.27 11.16
CA ARG A 131 24.69 22.49 10.41
C ARG A 131 24.87 22.32 8.90
N SER A 132 25.08 21.11 8.40
CA SER A 132 25.46 20.91 7.02
C SER A 132 25.29 19.45 6.64
N TRP A 133 25.32 19.19 5.34
CA TRP A 133 24.89 17.93 4.81
C TRP A 133 25.94 17.20 3.99
N THR A 134 25.81 15.89 3.97
CA THR A 134 26.64 14.96 3.19
C THR A 134 25.71 14.36 2.13
N ALA A 135 25.96 14.68 0.87
CA ALA A 135 25.24 14.12 -0.27
C ALA A 135 26.08 13.09 -0.98
N ALA A 136 25.51 11.94 -1.26
CA ALA A 136 26.30 10.85 -1.90
C ALA A 136 26.53 10.94 -3.41
N ASP A 137 25.62 11.59 -4.10
CA ASP A 137 25.71 11.74 -5.59
C ASP A 137 25.03 13.03 -6.06
N MET A 138 24.91 13.25 -7.34
CA MET A 138 24.50 14.57 -7.84
C MET A 138 23.02 14.81 -7.69
N ALA A 139 22.24 13.77 -7.50
CA ALA A 139 20.82 13.95 -7.21
C ALA A 139 20.67 14.43 -5.77
N ALA A 140 21.41 13.79 -4.91
CA ALA A 140 21.39 14.18 -3.49
C ALA A 140 21.99 15.58 -3.35
N GLN A 141 22.96 15.93 -4.19
CA GLN A 141 23.50 17.27 -4.18
C GLN A 141 22.41 18.33 -4.46
N THR A 142 21.47 18.02 -5.36
CA THR A 142 20.31 18.91 -5.63
C THR A 142 19.42 19.03 -4.39
N THR A 143 19.19 17.93 -3.68
CA THR A 143 18.43 17.94 -2.46
C THR A 143 19.15 18.80 -1.37
N LYS A 144 20.48 18.62 -1.23
CA LYS A 144 21.27 19.40 -0.32
C LYS A 144 21.08 20.90 -0.56
N HIS A 145 21.15 21.33 -1.83
CA HIS A 145 20.98 22.76 -2.15
C HIS A 145 19.57 23.27 -1.74
N LYS A 146 18.56 22.44 -1.93
CA LYS A 146 17.18 22.81 -1.60
C LYS A 146 17.01 23.00 -0.05
N TRP A 147 17.56 22.04 0.69
CA TRP A 147 17.54 22.05 2.13
C TRP A 147 18.38 23.12 2.79
N GLU A 148 19.50 23.46 2.17
CA GLU A 148 20.24 24.62 2.60
C GLU A 148 19.49 25.95 2.39
N ALA A 149 18.91 26.17 1.20
CA ALA A 149 18.14 27.43 0.96
C ALA A 149 16.92 27.52 1.90
N ALA A 150 16.27 26.40 2.17
CA ALA A 150 15.17 26.32 3.14
C ALA A 150 15.57 26.21 4.64
N HIS A 151 16.83 26.31 5.01
CA HIS A 151 17.25 26.28 6.43
C HIS A 151 16.83 25.09 7.25
N VAL A 152 16.79 23.94 6.63
CA VAL A 152 16.37 22.69 7.28
C VAL A 152 17.24 22.25 8.46
N ALA A 153 18.55 22.49 8.36
CA ALA A 153 19.48 22.06 9.40
C ALA A 153 19.16 22.75 10.74
N GLU A 154 18.94 24.06 10.71
CA GLU A 154 18.56 24.82 11.92
C GLU A 154 17.41 24.16 12.64
N GLN A 155 16.39 23.74 11.90
CA GLN A 155 15.20 23.32 12.59
C GLN A 155 15.35 21.90 13.07
N LEU A 156 16.01 21.05 12.32
CA LEU A 156 16.43 19.78 12.83
C LEU A 156 17.29 19.85 14.09
N ARG A 157 18.21 20.82 14.11
CA ARG A 157 19.12 20.95 15.19
C ARG A 157 18.32 21.32 16.39
N ALA A 158 17.35 22.23 16.26
CA ALA A 158 16.51 22.58 17.37
C ALA A 158 15.81 21.36 17.98
N TYR A 159 15.34 20.47 17.13
CA TYR A 159 14.72 19.25 17.59
C TYR A 159 15.74 18.22 18.16
N LEU A 160 16.84 18.00 17.45
CA LEU A 160 17.80 17.00 17.92
C LEU A 160 18.40 17.40 19.28
N GLU A 161 18.67 18.65 19.45
CA GLU A 161 19.41 19.10 20.65
C GLU A 161 18.47 19.47 21.80
N GLY A 162 17.17 19.54 21.54
CA GLY A 162 16.24 20.15 22.47
C GLY A 162 15.12 19.16 22.75
N THR A 163 14.10 19.22 21.91
CA THR A 163 12.95 18.38 21.99
C THR A 163 13.27 16.89 22.14
N CYS A 164 14.05 16.32 21.24
CA CYS A 164 14.40 14.93 21.29
C CYS A 164 14.97 14.45 22.68
N VAL A 165 15.91 15.22 23.21
CA VAL A 165 16.48 14.96 24.48
C VAL A 165 15.50 15.09 25.61
N GLU A 166 14.68 16.13 25.58
CA GLU A 166 13.66 16.34 26.59
C GLU A 166 12.66 15.19 26.67
N TRP A 167 12.21 14.69 25.50
CA TRP A 167 11.31 13.57 25.50
C TRP A 167 11.99 12.26 25.90
N LEU A 168 13.24 12.06 25.49
CA LEU A 168 13.99 10.89 25.87
C LEU A 168 14.06 10.78 27.35
N ARG A 169 14.32 11.87 28.03
CA ARG A 169 14.39 11.88 29.48
C ARG A 169 13.07 11.57 30.19
N ARG A 170 12.01 12.12 29.65
CA ARG A 170 10.69 11.85 30.16
C ARG A 170 10.40 10.35 29.98
N TYR A 171 10.75 9.76 28.85
CA TYR A 171 10.47 8.35 28.66
C TYR A 171 11.35 7.48 29.59
N LEU A 172 12.62 7.85 29.75
CA LEU A 172 13.47 7.15 30.65
C LEU A 172 12.90 7.16 32.05
N GLU A 173 12.32 8.26 32.49
CA GLU A 173 11.74 8.39 33.83
C GLU A 173 10.42 7.55 33.87
N ASN A 174 9.56 7.69 32.88
CA ASN A 174 8.32 6.93 32.86
C ASN A 174 8.52 5.40 32.68
N GLY A 175 9.48 4.99 31.88
CA GLY A 175 9.75 3.58 31.72
C GLY A 175 10.88 3.07 32.60
N LYS A 176 11.10 3.69 33.74
CA LYS A 176 12.27 3.49 34.55
C LYS A 176 12.49 1.99 34.86
N GLU A 177 11.39 1.34 35.23
CA GLU A 177 11.41 -0.06 35.72
C GLU A 177 12.06 -1.00 34.68
N THR A 178 11.94 -0.72 33.42
CA THR A 178 12.60 -1.49 32.38
C THR A 178 13.75 -0.78 31.68
N LEU A 179 13.52 0.48 31.31
CA LEU A 179 14.48 1.17 30.48
C LEU A 179 15.78 1.43 31.20
N GLN A 180 15.75 1.59 32.51
CA GLN A 180 16.96 1.80 33.24
C GLN A 180 17.37 0.54 34.04
N ARG A 181 16.81 -0.62 33.71
CA ARG A 181 17.32 -1.87 34.28
C ARG A 181 18.20 -2.47 33.22
N THR A 182 19.37 -2.93 33.56
CA THR A 182 20.07 -3.79 32.67
C THR A 182 19.93 -5.24 33.13
N ASP A 183 19.82 -6.13 32.17
CA ASP A 183 19.70 -7.54 32.41
C ASP A 183 20.98 -8.21 31.91
N ALA A 184 21.77 -8.64 32.86
CA ALA A 184 22.95 -9.37 32.60
C ALA A 184 22.68 -10.69 31.90
N PRO A 185 23.59 -11.11 31.01
CA PRO A 185 23.35 -12.36 30.36
C PRO A 185 23.45 -13.56 31.29
N LYS A 186 22.56 -14.47 31.05
CA LYS A 186 22.57 -15.77 31.73
C LYS A 186 23.38 -16.69 30.84
N THR A 187 24.47 -17.21 31.38
CA THR A 187 25.40 -17.94 30.57
C THR A 187 25.56 -19.35 31.00
N HIS A 188 25.88 -20.19 30.04
CA HIS A 188 26.29 -21.56 30.32
C HIS A 188 26.99 -22.07 29.07
N MET A 189 27.52 -23.26 29.19
CA MET A 189 28.38 -23.82 28.17
C MET A 189 27.86 -25.15 27.81
N THR A 190 27.82 -25.51 26.54
CA THR A 190 27.44 -26.89 26.12
C THR A 190 28.58 -27.56 25.38
N HIS A 191 28.56 -28.87 25.37
CA HIS A 191 29.59 -29.70 24.87
C HIS A 191 28.99 -30.68 23.85
N HIS A 192 29.57 -30.80 22.66
CA HIS A 192 29.00 -31.66 21.58
C HIS A 192 30.15 -32.47 21.00
N ALA A 193 30.12 -33.80 21.09
CA ALA A 193 31.21 -34.60 20.54
C ALA A 193 30.98 -34.62 19.05
N VAL A 194 31.76 -33.82 18.33
CA VAL A 194 31.81 -33.81 16.85
C VAL A 194 32.25 -35.18 16.29
N SER A 195 33.34 -35.72 16.84
CA SER A 195 33.84 -37.07 16.51
C SER A 195 34.53 -37.67 17.73
N ASP A 196 35.18 -38.82 17.61
CA ASP A 196 36.04 -39.36 18.70
C ASP A 196 37.25 -38.49 19.10
N HIS A 197 37.64 -37.55 18.25
CA HIS A 197 38.87 -36.82 18.45
C HIS A 197 38.66 -35.34 18.56
N GLU A 198 37.47 -34.80 18.24
CA GLU A 198 37.21 -33.41 18.40
C GLU A 198 35.87 -33.23 19.06
N ALA A 199 35.72 -32.09 19.70
CA ALA A 199 34.48 -31.67 20.33
C ALA A 199 34.24 -30.21 20.02
N THR A 200 33.00 -29.81 20.13
CA THR A 200 32.60 -28.41 20.01
C THR A 200 32.10 -27.93 21.39
N LEU A 201 32.59 -26.80 21.80
CA LEU A 201 32.10 -26.15 22.96
C LEU A 201 31.32 -24.93 22.54
N ARG A 202 30.11 -24.78 23.08
CA ARG A 202 29.30 -23.64 22.75
C ARG A 202 28.99 -22.81 24.00
N CYS A 203 29.31 -21.55 23.89
CA CYS A 203 29.10 -20.62 24.96
C CYS A 203 27.85 -19.77 24.70
N TRP A 204 26.88 -19.82 25.59
CA TRP A 204 25.59 -19.14 25.46
C TRP A 204 25.43 -17.95 26.38
N ALA A 205 24.90 -16.90 25.83
CA ALA A 205 24.51 -15.73 26.56
C ALA A 205 23.01 -15.47 26.26
N LEU A 206 22.17 -15.59 27.28
CA LEU A 206 20.75 -15.51 27.08
C LEU A 206 20.15 -14.43 27.92
N SER A 207 19.00 -14.00 27.44
CA SER A 207 18.09 -13.17 28.17
C SER A 207 18.72 -11.86 28.68
N PHE A 208 19.55 -11.26 27.86
CA PHE A 208 20.25 -10.05 28.21
C PHE A 208 19.69 -8.80 27.50
N TYR A 209 19.89 -7.66 28.14
CA TYR A 209 19.46 -6.34 27.70
C TYR A 209 20.39 -5.30 28.32
N PRO A 210 20.97 -4.36 27.54
CA PRO A 210 20.75 -4.16 26.06
C PRO A 210 21.42 -5.16 25.15
N ALA A 211 21.24 -4.99 23.83
CA ALA A 211 21.73 -5.97 22.84
C ALA A 211 23.27 -5.99 22.74
N GLU A 212 23.96 -4.90 22.97
CA GLU A 212 25.45 -4.86 22.85
C GLU A 212 26.09 -5.91 23.82
N ILE A 213 26.88 -6.85 23.31
CA ILE A 213 27.59 -7.82 24.09
C ILE A 213 28.88 -8.25 23.36
N THR A 214 29.91 -8.73 24.06
CA THR A 214 31.05 -9.35 23.39
C THR A 214 31.33 -10.71 24.00
N LEU A 215 31.40 -11.72 23.13
CA LEU A 215 31.80 -13.08 23.50
C LEU A 215 33.07 -13.43 22.76
N THR A 216 34.13 -13.81 23.47
CA THR A 216 35.42 -14.11 22.83
C THR A 216 35.97 -15.37 23.51
N TRP A 217 36.50 -16.28 22.72
CA TRP A 217 37.19 -17.45 23.15
C TRP A 217 38.67 -17.19 23.32
N GLN A 218 39.24 -17.80 24.37
CA GLN A 218 40.66 -17.81 24.61
C GLN A 218 41.16 -19.24 24.77
N ARG A 219 42.40 -19.46 24.36
CA ARG A 219 43.08 -20.74 24.53
C ARG A 219 44.29 -20.38 25.33
N ASP A 220 44.46 -21.05 26.49
CA ASP A 220 45.52 -20.77 27.42
C ASP A 220 45.73 -19.27 27.63
N GLY A 221 44.66 -18.53 27.85
CA GLY A 221 44.72 -17.09 28.10
C GLY A 221 44.90 -16.17 26.90
N GLU A 222 44.92 -16.67 25.67
CA GLU A 222 45.00 -15.78 24.52
C GLU A 222 43.86 -15.95 23.55
N ASP A 223 43.39 -14.85 22.98
CA ASP A 223 42.27 -14.84 22.03
C ASP A 223 42.41 -15.81 20.91
N GLN A 224 41.31 -16.46 20.60
CA GLN A 224 41.28 -17.36 19.52
C GLN A 224 40.10 -17.12 18.62
N THR A 225 40.44 -17.14 17.35
CA THR A 225 39.64 -16.79 16.20
C THR A 225 39.48 -17.98 15.23
N GLN A 226 40.58 -18.68 14.96
CA GLN A 226 40.57 -19.93 14.22
C GLN A 226 39.55 -20.90 14.87
N ASP A 227 38.76 -21.55 14.01
CA ASP A 227 37.92 -22.67 14.40
C ASP A 227 36.80 -22.26 15.36
N THR A 228 36.34 -21.01 15.27
CA THR A 228 35.24 -20.51 16.05
C THR A 228 34.11 -20.11 15.11
N GLU A 229 32.91 -20.05 15.65
CA GLU A 229 31.74 -19.52 14.97
C GLU A 229 31.03 -18.62 16.00
N LEU A 230 30.46 -17.53 15.54
CA LEU A 230 29.80 -16.53 16.38
C LEU A 230 28.52 -16.19 15.64
N VAL A 231 27.31 -16.42 16.19
CA VAL A 231 26.10 -16.03 15.50
C VAL A 231 25.80 -14.54 15.76
N GLU A 232 25.11 -13.93 14.87
CA GLU A 232 24.61 -12.59 15.12
C GLU A 232 23.67 -12.54 16.32
N THR A 233 23.72 -11.44 17.03
CA THR A 233 22.84 -11.22 18.22
C THR A 233 21.37 -11.24 17.72
N ARG A 234 20.52 -11.94 18.45
CA ARG A 234 19.16 -12.21 18.01
C ARG A 234 18.14 -11.96 19.09
N PRO A 235 17.00 -11.46 18.71
CA PRO A 235 15.95 -11.17 19.70
C PRO A 235 15.26 -12.44 20.22
N ALA A 236 15.03 -12.50 21.52
CA ALA A 236 14.32 -13.63 22.07
C ALA A 236 12.84 -13.53 21.83
N GLY A 237 12.32 -12.31 21.62
CA GLY A 237 10.89 -12.09 21.42
C GLY A 237 10.19 -11.53 22.66
N ASP A 238 10.87 -11.51 23.81
CA ASP A 238 10.30 -10.91 25.03
C ASP A 238 11.03 -9.63 25.43
N GLY A 239 11.79 -9.06 24.49
CA GLY A 239 12.53 -7.85 24.75
C GLY A 239 13.99 -7.98 25.10
N THR A 240 14.46 -9.20 25.39
CA THR A 240 15.85 -9.50 25.63
C THR A 240 16.46 -10.16 24.37
N PHE A 241 17.78 -10.33 24.43
CA PHE A 241 18.57 -10.84 23.34
C PHE A 241 19.37 -12.10 23.74
N GLN A 242 19.80 -12.81 22.69
CA GLN A 242 20.52 -14.04 22.78
C GLN A 242 21.75 -14.01 21.85
N LYS A 243 22.82 -14.68 22.25
CA LYS A 243 23.96 -14.89 21.37
C LYS A 243 24.68 -16.09 21.83
N TRP A 244 25.37 -16.71 20.91
CA TRP A 244 26.34 -17.74 21.30
C TRP A 244 27.62 -17.70 20.45
N ALA A 245 28.60 -18.42 20.91
CA ALA A 245 29.92 -18.53 20.26
C ALA A 245 30.37 -19.98 20.44
N ALA A 246 31.04 -20.55 19.46
CA ALA A 246 31.47 -21.93 19.55
C ALA A 246 32.91 -22.03 19.08
N VAL A 247 33.58 -23.08 19.52
CA VAL A 247 34.93 -23.36 19.15
C VAL A 247 35.07 -24.89 19.12
N VAL A 248 35.86 -25.38 18.15
CA VAL A 248 36.12 -26.75 17.98
C VAL A 248 37.49 -26.98 18.65
N VAL A 249 37.62 -28.09 19.38
CA VAL A 249 38.76 -28.36 20.18
C VAL A 249 39.06 -29.85 20.13
N PRO A 250 40.34 -30.21 20.35
CA PRO A 250 40.67 -31.62 20.45
C PRO A 250 40.07 -32.21 21.70
N SER A 251 39.55 -33.40 21.55
CA SER A 251 38.80 -33.99 22.69
C SER A 251 39.83 -34.32 23.77
N GLY A 252 39.51 -33.93 25.02
CA GLY A 252 40.41 -33.98 26.19
C GLY A 252 41.12 -32.68 26.51
N GLN A 253 41.04 -31.67 25.65
CA GLN A 253 41.71 -30.36 25.86
C GLN A 253 40.77 -29.23 26.22
N GLU A 254 39.51 -29.58 26.52
CA GLU A 254 38.49 -28.61 26.85
C GLU A 254 38.86 -27.63 27.93
N GLN A 255 39.53 -28.06 28.97
CA GLN A 255 39.89 -27.18 30.09
C GLN A 255 40.79 -25.98 29.75
N ARG A 256 41.51 -26.07 28.64
CA ARG A 256 42.33 -24.98 28.20
C ARG A 256 41.55 -23.79 27.68
N TYR A 257 40.28 -23.97 27.35
CA TYR A 257 39.55 -22.92 26.64
C TYR A 257 38.61 -22.23 27.57
N THR A 258 38.45 -20.93 27.40
CA THR A 258 37.60 -20.12 28.18
C THR A 258 36.85 -19.10 27.34
N CYS A 259 35.60 -18.92 27.72
CA CYS A 259 34.71 -17.97 27.02
C CYS A 259 34.56 -16.73 27.88
N HIS A 260 34.70 -15.55 27.31
CA HIS A 260 34.70 -14.35 28.10
C HIS A 260 33.53 -13.57 27.60
N VAL A 261 32.80 -12.97 28.55
CA VAL A 261 31.56 -12.27 28.25
C VAL A 261 31.57 -10.95 28.86
N GLN A 262 31.35 -9.95 28.05
CA GLN A 262 31.30 -8.54 28.43
C GLN A 262 29.99 -7.98 28.12
N HIS A 263 29.44 -7.22 29.04
CA HIS A 263 28.16 -6.66 28.90
C HIS A 263 28.02 -5.61 29.92
N GLU A 264 27.34 -4.51 29.59
CA GLU A 264 27.06 -3.41 30.53
C GLU A 264 26.50 -3.79 31.95
N GLY A 265 25.70 -4.83 31.98
CA GLY A 265 25.17 -5.35 33.20
C GLY A 265 26.08 -6.19 34.03
N LEU A 266 27.35 -6.30 33.66
CA LEU A 266 28.31 -7.09 34.36
C LEU A 266 29.53 -6.26 34.83
N PRO A 267 29.59 -5.89 36.14
CA PRO A 267 30.74 -5.29 36.74
C PRO A 267 32.05 -5.86 36.31
N LYS A 268 32.17 -7.17 36.22
CA LYS A 268 33.40 -7.77 35.76
C LYS A 268 32.94 -8.58 34.64
N PRO A 269 33.70 -8.65 33.57
CA PRO A 269 33.41 -9.75 32.64
C PRO A 269 33.38 -11.15 33.28
N LEU A 270 32.53 -12.04 32.74
CA LEU A 270 32.44 -13.42 33.21
C LEU A 270 33.39 -14.25 32.40
N THR A 271 33.90 -15.31 33.02
CA THR A 271 34.73 -16.31 32.35
C THR A 271 34.08 -17.66 32.56
N LEU A 272 33.89 -18.41 31.47
CA LEU A 272 33.35 -19.76 31.56
C LEU A 272 34.40 -20.72 31.10
N ARG A 273 34.44 -21.87 31.75
CA ARG A 273 35.40 -22.94 31.44
C ARG A 273 34.71 -24.29 31.61
N TRP A 274 34.88 -25.19 30.66
CA TRP A 274 34.26 -26.47 30.73
C TRP A 274 34.90 -27.33 31.85
N GLU A 275 34.02 -27.71 32.76
CA GLU A 275 33.98 -29.01 33.42
C GLU A 275 32.84 -28.98 34.45
N PRO A 276 31.57 -28.58 34.03
CA PRO A 276 30.47 -28.19 34.93
C PRO A 276 30.66 -28.53 36.43
N MET B 1 17.61 -3.09 -7.66
CA MET B 1 19.01 -2.58 -7.94
C MET B 1 20.13 -3.36 -7.18
N ILE B 2 20.19 -3.23 -5.86
CA ILE B 2 21.29 -3.73 -4.98
C ILE B 2 20.62 -4.68 -4.02
N GLN B 3 20.75 -5.96 -4.29
CA GLN B 3 19.96 -6.93 -3.59
C GLN B 3 20.86 -7.68 -2.58
N ARG B 4 20.33 -7.85 -1.35
CA ARG B 4 21.01 -8.54 -0.26
C ARG B 4 20.09 -9.69 0.17
N THR B 5 20.67 -10.88 0.21
CA THR B 5 19.94 -12.10 0.54
C THR B 5 19.76 -12.19 2.06
N PRO B 6 18.68 -12.77 2.54
CA PRO B 6 18.52 -12.87 4.01
C PRO B 6 19.40 -13.88 4.73
N LYS B 7 19.93 -13.51 5.90
CA LYS B 7 20.44 -14.43 6.87
C LYS B 7 19.25 -14.96 7.66
N ILE B 8 19.29 -16.21 8.08
CA ILE B 8 18.13 -16.85 8.75
C ILE B 8 18.61 -17.56 9.99
N GLN B 9 18.03 -17.30 11.14
CA GLN B 9 18.31 -18.14 12.29
C GLN B 9 17.00 -18.66 12.78
N VAL B 10 16.95 -19.93 13.10
CA VAL B 10 15.75 -20.54 13.64
C VAL B 10 16.09 -21.06 15.03
N TYR B 11 15.25 -20.72 16.01
CA TYR B 11 15.62 -20.98 17.39
C TYR B 11 14.42 -20.83 18.30
N SER B 12 14.54 -21.43 19.49
CA SER B 12 13.50 -21.26 20.50
C SER B 12 13.78 -20.08 21.45
N ARG B 13 12.73 -19.48 22.00
CA ARG B 13 12.87 -18.42 22.97
C ARG B 13 13.55 -18.94 24.21
N HIS B 14 13.18 -20.10 24.71
CA HIS B 14 13.71 -20.63 25.92
C HIS B 14 14.33 -21.99 25.56
N PRO B 15 15.24 -22.52 26.40
CA PRO B 15 15.80 -23.85 26.26
C PRO B 15 14.73 -24.86 26.05
N ALA B 16 14.96 -25.79 25.17
CA ALA B 16 13.91 -26.63 24.72
C ALA B 16 13.77 -27.87 25.61
N GLU B 17 12.53 -28.16 25.97
CA GLU B 17 12.25 -29.33 26.82
C GLU B 17 11.00 -29.89 26.22
N ASN B 18 11.08 -31.15 25.87
CA ASN B 18 9.92 -31.77 25.30
C ASN B 18 8.72 -31.69 26.23
N GLY B 19 7.61 -31.28 25.65
CA GLY B 19 6.33 -31.27 26.32
C GLY B 19 6.13 -29.98 27.06
N LYS B 20 7.10 -29.06 27.03
CA LYS B 20 6.84 -27.78 27.59
C LYS B 20 6.71 -26.71 26.56
N SER B 21 5.71 -25.91 26.76
CA SER B 21 5.36 -24.83 25.90
C SER B 21 6.45 -23.78 25.76
N ASN B 22 6.58 -23.18 24.60
CA ASN B 22 7.74 -22.40 24.25
C ASN B 22 7.38 -21.47 23.04
N PHE B 23 8.34 -20.79 22.45
CA PHE B 23 8.13 -19.96 21.24
C PHE B 23 9.19 -20.34 20.22
N LEU B 24 8.76 -20.63 19.01
CA LEU B 24 9.67 -20.80 17.90
C LEU B 24 9.80 -19.47 17.08
N ASN B 25 11.05 -19.08 16.84
CA ASN B 25 11.46 -17.83 16.26
C ASN B 25 12.19 -18.14 14.98
N CYS B 26 11.95 -17.31 14.00
CA CYS B 26 12.73 -17.31 12.77
C CYS B 26 13.08 -15.85 12.53
N TYR B 27 14.37 -15.56 12.65
CA TYR B 27 14.88 -14.28 12.58
C TYR B 27 15.52 -14.14 11.24
N VAL B 28 15.04 -13.18 10.46
CA VAL B 28 15.57 -12.93 9.11
C VAL B 28 16.12 -11.53 9.13
N SER B 29 17.35 -11.38 8.66
CA SER B 29 18.08 -10.09 8.71
C SER B 29 18.97 -9.92 7.51
N GLY B 30 19.48 -8.72 7.31
CA GLY B 30 20.49 -8.48 6.29
C GLY B 30 19.94 -8.48 4.87
N PHE B 31 18.66 -8.26 4.69
CA PHE B 31 18.08 -8.38 3.34
C PHE B 31 17.57 -7.06 2.78
N HIS B 32 17.50 -6.97 1.45
CA HIS B 32 16.99 -5.81 0.76
C HIS B 32 16.62 -6.28 -0.67
N PRO B 33 15.45 -5.87 -1.24
CA PRO B 33 14.42 -5.03 -0.69
C PRO B 33 13.58 -5.73 0.36
N SER B 34 12.57 -5.05 0.86
CA SER B 34 11.89 -5.44 2.11
C SER B 34 10.87 -6.54 1.93
N ASP B 35 10.29 -6.70 0.75
CA ASP B 35 9.30 -7.75 0.54
C ASP B 35 9.93 -9.12 0.74
N ILE B 36 9.33 -9.92 1.59
CA ILE B 36 9.85 -11.24 1.87
C ILE B 36 8.68 -12.08 2.33
N GLU B 37 8.75 -13.39 2.11
CA GLU B 37 7.71 -14.29 2.58
C GLU B 37 8.37 -15.27 3.55
N VAL B 38 7.85 -15.34 4.75
CA VAL B 38 8.36 -16.23 5.76
C VAL B 38 7.21 -17.08 6.32
N ASP B 39 7.39 -18.42 6.26
CA ASP B 39 6.54 -19.37 6.91
C ASP B 39 7.28 -20.23 7.89
N LEU B 40 6.58 -20.61 8.96
CA LEU B 40 7.06 -21.63 9.92
C LEU B 40 6.35 -22.94 9.68
N LEU B 41 7.11 -24.01 9.69
CA LEU B 41 6.62 -25.31 9.32
C LEU B 41 6.69 -26.31 10.47
N LYS B 42 5.63 -27.10 10.63
CA LYS B 42 5.64 -28.24 11.47
C LYS B 42 5.44 -29.48 10.60
N ASN B 43 6.47 -30.33 10.57
CA ASN B 43 6.51 -31.52 9.75
C ASN B 43 6.07 -31.29 8.30
N GLY B 44 6.48 -30.18 7.74
CA GLY B 44 6.18 -29.84 6.36
C GLY B 44 5.04 -28.87 6.21
N GLU B 45 4.12 -28.71 7.17
CA GLU B 45 2.96 -27.81 6.89
C GLU B 45 3.05 -26.50 7.52
N ARG B 46 2.51 -25.52 6.80
CA ARG B 46 2.55 -24.16 7.23
C ARG B 46 1.73 -24.00 8.51
N ILE B 47 2.33 -23.35 9.51
CA ILE B 47 1.65 -23.04 10.77
C ILE B 47 0.88 -21.74 10.54
N GLU B 48 -0.37 -21.67 10.98
CA GLU B 48 -1.23 -20.47 10.75
C GLU B 48 -1.14 -19.28 11.69
N LYS B 49 -0.81 -19.48 12.93
CA LYS B 49 -0.99 -18.40 13.87
C LYS B 49 0.42 -17.87 14.10
N VAL B 50 1.05 -17.22 13.11
CA VAL B 50 2.43 -16.78 13.20
C VAL B 50 2.39 -15.28 13.25
N GLU B 51 3.17 -14.70 14.12
CA GLU B 51 3.17 -13.27 14.33
C GLU B 51 4.53 -12.79 13.87
N HIS B 52 4.63 -11.53 13.55
CA HIS B 52 5.91 -10.96 13.16
C HIS B 52 6.07 -9.56 13.73
N SER B 53 7.33 -9.14 13.87
CA SER B 53 7.70 -7.83 14.36
C SER B 53 7.41 -6.75 13.27
N ASP B 54 7.54 -5.50 13.67
CA ASP B 54 7.43 -4.39 12.76
C ASP B 54 8.76 -4.21 12.02
N LEU B 55 8.67 -4.03 10.71
CA LEU B 55 9.86 -3.88 9.91
C LEU B 55 10.78 -2.76 10.38
N SER B 56 12.02 -3.11 10.57
CA SER B 56 13.04 -2.11 10.85
C SER B 56 14.31 -2.50 10.11
N PHE B 57 15.35 -1.70 10.30
CA PHE B 57 16.56 -1.93 9.59
C PHE B 57 17.79 -1.50 10.35
N SER B 58 18.96 -1.99 9.90
CA SER B 58 20.24 -1.83 10.60
C SER B 58 21.03 -0.65 10.04
N LYS B 59 22.22 -0.42 10.63
CA LYS B 59 23.16 0.56 10.19
C LYS B 59 23.48 0.56 8.65
N ASP B 60 23.51 -0.59 7.98
CA ASP B 60 23.75 -0.60 6.53
C ASP B 60 22.46 -0.60 5.69
N TRP B 61 21.35 -0.22 6.30
CA TRP B 61 20.05 -0.12 5.67
C TRP B 61 19.38 -1.44 5.36
N SER B 62 19.98 -2.54 5.75
CA SER B 62 19.36 -3.80 5.51
C SER B 62 18.28 -4.14 6.56
N PHE B 63 17.24 -4.87 6.12
CA PHE B 63 16.01 -5.03 6.88
C PHE B 63 16.14 -6.24 7.77
N TYR B 64 15.45 -6.17 8.87
CA TYR B 64 15.32 -7.39 9.70
C TYR B 64 13.90 -7.51 10.22
N LEU B 65 13.50 -8.75 10.43
CA LEU B 65 12.18 -9.11 10.96
C LEU B 65 12.29 -10.40 11.83
N LEU B 66 11.44 -10.45 12.83
CA LEU B 66 11.26 -11.63 13.66
C LEU B 66 9.89 -12.24 13.39
N TYR B 67 9.85 -13.51 12.97
CA TYR B 67 8.59 -14.23 12.94
C TYR B 67 8.58 -15.22 14.10
N TYR B 68 7.43 -15.44 14.71
CA TYR B 68 7.38 -16.34 15.84
C TYR B 68 5.99 -16.90 16.01
N THR B 69 5.93 -18.10 16.61
CA THR B 69 4.71 -18.68 17.04
C THR B 69 4.93 -19.50 18.35
N GLU B 70 3.85 -19.75 19.04
CA GLU B 70 3.83 -20.59 20.22
C GLU B 70 3.98 -22.00 19.77
N PHE B 71 4.76 -22.82 20.42
CA PHE B 71 4.81 -24.25 20.14
C PHE B 71 5.28 -25.07 21.31
N THR B 72 5.16 -26.38 21.19
CA THR B 72 5.51 -27.35 22.21
C THR B 72 6.40 -28.36 21.55
N PRO B 73 7.69 -28.26 21.74
CA PRO B 73 8.51 -29.25 21.14
C PRO B 73 8.29 -30.64 21.72
N THR B 74 8.71 -31.63 20.91
CA THR B 74 8.73 -33.06 21.19
C THR B 74 9.96 -33.73 20.61
N GLU B 75 10.19 -34.96 21.00
CA GLU B 75 11.31 -35.72 20.47
C GLU B 75 11.29 -35.76 18.94
N LYS B 76 10.16 -36.03 18.31
CA LYS B 76 10.24 -36.33 16.88
C LYS B 76 9.63 -35.36 15.90
N ASP B 77 8.87 -34.37 16.36
CA ASP B 77 8.32 -33.39 15.41
C ASP B 77 9.44 -32.50 14.84
N GLU B 78 9.45 -32.28 13.53
CA GLU B 78 10.40 -31.39 12.86
C GLU B 78 9.78 -30.00 12.81
N TYR B 79 10.56 -29.01 13.17
CA TYR B 79 10.16 -27.62 12.93
C TYR B 79 11.18 -26.92 12.00
N ALA B 80 10.69 -25.97 11.23
CA ALA B 80 11.56 -25.29 10.25
C ALA B 80 11.02 -23.93 9.87
N CYS B 81 11.86 -23.12 9.25
CA CYS B 81 11.46 -21.83 8.73
C CYS B 81 11.72 -21.86 7.21
N ARG B 82 10.72 -21.45 6.41
CA ARG B 82 10.89 -21.38 5.00
C ARG B 82 10.80 -19.92 4.55
N VAL B 83 11.78 -19.50 3.79
CA VAL B 83 11.86 -18.09 3.38
C VAL B 83 11.95 -17.94 1.89
N ASN B 84 11.21 -17.00 1.33
CA ASN B 84 11.38 -16.64 -0.07
C ASN B 84 11.62 -15.12 -0.21
N HIS B 85 12.45 -14.80 -1.17
CA HIS B 85 12.91 -13.44 -1.41
C HIS B 85 13.30 -13.36 -2.88
N VAL B 86 13.26 -12.16 -3.45
CA VAL B 86 13.66 -11.98 -4.87
C VAL B 86 15.10 -12.50 -5.10
N THR B 87 15.98 -12.50 -4.09
CA THR B 87 17.36 -12.97 -4.26
C THR B 87 17.48 -14.47 -4.27
N LEU B 88 16.45 -15.18 -3.86
CA LEU B 88 16.40 -16.64 -3.97
C LEU B 88 15.59 -17.14 -5.17
N SER B 89 16.21 -17.97 -5.99
CA SER B 89 15.52 -18.69 -7.05
C SER B 89 14.53 -19.78 -6.53
N GLN B 90 14.73 -20.26 -5.31
CA GLN B 90 13.75 -21.13 -4.68
C GLN B 90 13.75 -20.85 -3.19
N PRO B 91 12.62 -21.09 -2.51
CA PRO B 91 12.55 -20.81 -1.07
C PRO B 91 13.65 -21.55 -0.31
N LYS B 92 14.20 -20.98 0.75
CA LYS B 92 15.20 -21.70 1.53
C LYS B 92 14.52 -22.17 2.80
N ILE B 93 14.74 -23.45 3.14
CA ILE B 93 14.22 -24.03 4.34
C ILE B 93 15.38 -24.22 5.32
N VAL B 94 15.22 -23.70 6.53
CA VAL B 94 16.19 -23.88 7.59
C VAL B 94 15.51 -24.63 8.74
N LYS B 95 16.07 -25.79 9.02
CA LYS B 95 15.56 -26.68 10.04
C LYS B 95 15.89 -26.13 11.41
N TRP B 96 15.02 -26.26 12.43
CA TRP B 96 15.40 -25.95 13.80
C TRP B 96 16.27 -27.06 14.39
N ASP B 97 17.33 -26.64 15.03
CA ASP B 97 18.19 -27.50 15.79
C ASP B 97 18.17 -26.88 17.19
N ARG B 98 17.78 -27.69 18.17
CA ARG B 98 17.68 -27.32 19.61
C ARG B 98 18.96 -26.73 20.19
N ASP B 99 20.09 -27.22 19.69
CA ASP B 99 21.40 -26.87 20.21
C ASP B 99 22.04 -25.60 19.56
N MET B 100 21.24 -24.83 18.83
CA MET B 100 21.76 -23.66 18.13
C MET B 100 20.82 -22.42 18.15
N TYR C 1 8.88 11.05 20.67
CA TYR C 1 8.21 12.35 20.20
C TYR C 1 8.85 12.67 18.87
N LEU C 2 8.09 12.51 17.81
CA LEU C 2 8.58 12.75 16.43
C LEU C 2 8.92 14.17 16.13
N ALA C 3 9.81 14.31 15.16
CA ALA C 3 10.16 15.64 14.63
C ALA C 3 8.96 16.19 13.88
N PRO C 4 8.94 17.50 13.59
CA PRO C 4 7.88 17.97 12.72
C PRO C 4 8.02 17.35 11.31
N GLY C 5 6.91 17.41 10.55
CA GLY C 5 6.82 16.75 9.24
C GLY C 5 8.02 17.21 8.44
N PRO C 6 8.77 16.29 7.87
CA PRO C 6 9.96 16.69 7.15
C PRO C 6 9.71 17.40 5.81
N VAL C 7 10.79 18.04 5.33
CA VAL C 7 10.76 18.78 4.08
C VAL C 7 11.04 17.80 2.94
N THR C 8 10.40 18.01 1.81
CA THR C 8 10.56 17.01 0.72
C THR C 8 11.95 17.15 0.10
N ALA C 9 12.56 16.06 -0.33
CA ALA C 9 13.80 16.03 -1.16
C ALA C 9 13.84 16.80 -2.55
N GLY D 1 -12.73 -13.44 -3.88
CA GLY D 1 -14.20 -13.32 -4.03
C GLY D 1 -14.50 -13.41 -5.50
N SER D 2 -15.61 -12.77 -5.88
CA SER D 2 -16.14 -12.82 -7.21
C SER D 2 -15.30 -11.93 -8.20
N HIS D 3 -15.33 -12.19 -9.52
CA HIS D 3 -14.61 -11.34 -10.49
C HIS D 3 -15.40 -11.21 -11.77
N SER D 4 -15.05 -10.18 -12.55
CA SER D 4 -15.68 -9.90 -13.80
C SER D 4 -14.68 -9.34 -14.83
N MET D 5 -14.95 -9.62 -16.09
CA MET D 5 -14.33 -8.95 -17.18
C MET D 5 -15.44 -8.31 -18.02
N ARG D 6 -15.27 -7.03 -18.31
CA ARG D 6 -16.26 -6.20 -19.02
C ARG D 6 -15.63 -5.30 -20.07
N TYR D 7 -16.25 -5.18 -21.18
CA TYR D 7 -15.89 -4.20 -22.17
C TYR D 7 -17.00 -3.20 -22.40
N PHE D 8 -16.60 -1.97 -22.58
CA PHE D 8 -17.46 -0.83 -22.78
C PHE D 8 -17.07 -0.21 -24.16
N PHE D 9 -18.06 0.10 -24.98
CA PHE D 9 -17.86 0.71 -26.30
C PHE D 9 -18.81 1.85 -26.43
N THR D 10 -18.32 2.98 -26.96
CA THR D 10 -19.11 4.13 -27.23
C THR D 10 -18.78 4.63 -28.60
N SER D 11 -19.77 4.87 -29.42
CA SER D 11 -19.64 5.51 -30.75
C SER D 11 -20.52 6.73 -30.86
N VAL D 12 -19.97 7.84 -31.34
CA VAL D 12 -20.73 9.07 -31.45
C VAL D 12 -20.64 9.57 -32.89
N SER D 13 -21.74 9.68 -33.58
CA SER D 13 -21.75 10.14 -34.98
C SER D 13 -21.33 11.62 -35.14
N ARG D 14 -20.70 11.93 -36.28
CA ARG D 14 -20.16 13.28 -36.55
C ARG D 14 -20.69 13.71 -37.90
N PRO D 15 -21.95 14.14 -37.92
CA PRO D 15 -22.67 14.44 -39.12
C PRO D 15 -22.00 15.47 -40.01
N GLY D 16 -21.21 16.37 -39.43
CA GLY D 16 -20.54 17.35 -40.20
C GLY D 16 -19.49 16.82 -41.17
N ARG D 17 -18.69 15.86 -40.74
CA ARG D 17 -17.65 15.32 -41.59
C ARG D 17 -17.13 14.12 -40.91
N GLY D 18 -16.95 13.06 -41.67
CA GLY D 18 -16.15 11.91 -41.26
C GLY D 18 -16.89 10.88 -40.46
N GLU D 19 -16.16 9.97 -39.92
CA GLU D 19 -16.70 8.77 -39.30
C GLU D 19 -17.04 9.05 -37.84
N PRO D 20 -17.71 8.09 -37.20
CA PRO D 20 -17.99 8.29 -35.77
C PRO D 20 -16.74 8.18 -34.94
N ARG D 21 -16.75 8.91 -33.83
CA ARG D 21 -15.75 8.75 -32.79
C ARG D 21 -16.11 7.44 -32.06
N PHE D 22 -15.12 6.58 -31.87
CA PHE D 22 -15.30 5.30 -31.23
C PHE D 22 -14.26 5.13 -30.07
N ILE D 23 -14.75 4.83 -28.87
CA ILE D 23 -13.89 4.56 -27.71
C ILE D 23 -14.28 3.26 -27.08
N ALA D 24 -13.29 2.36 -26.88
CA ALA D 24 -13.51 1.10 -26.25
C ALA D 24 -12.57 0.99 -25.04
N VAL D 25 -13.11 0.54 -23.88
CA VAL D 25 -12.29 0.22 -22.70
C VAL D 25 -12.62 -1.18 -22.25
N GLY D 26 -11.61 -1.89 -21.81
CA GLY D 26 -11.82 -3.14 -21.10
C GLY D 26 -11.41 -3.03 -19.64
N TYR D 27 -12.15 -3.72 -18.79
CA TYR D 27 -11.85 -3.81 -17.35
C TYR D 27 -11.81 -5.24 -16.91
N VAL D 28 -10.93 -5.51 -15.97
CA VAL D 28 -11.09 -6.62 -15.04
C VAL D 28 -11.44 -6.05 -13.67
N ASP D 29 -12.57 -6.46 -13.12
CA ASP D 29 -13.09 -5.86 -11.89
C ASP D 29 -13.14 -4.35 -12.06
N ASP D 30 -12.56 -3.57 -11.16
CA ASP D 30 -12.50 -2.09 -11.31
C ASP D 30 -11.16 -1.58 -11.89
N THR D 31 -10.39 -2.45 -12.54
CA THR D 31 -9.10 -2.10 -13.10
C THR D 31 -9.25 -2.06 -14.65
N GLN D 32 -9.12 -0.88 -15.22
CA GLN D 32 -8.95 -0.74 -16.65
C GLN D 32 -7.65 -1.37 -17.18
N PHE D 33 -7.72 -2.18 -18.22
CA PHE D 33 -6.51 -2.80 -18.73
C PHE D 33 -6.21 -2.59 -20.19
N VAL D 34 -7.18 -2.25 -21.00
CA VAL D 34 -6.93 -1.91 -22.37
C VAL D 34 -7.84 -0.76 -22.77
N ARG D 35 -7.46 -0.10 -23.87
CA ARG D 35 -8.29 0.93 -24.52
C ARG D 35 -8.10 0.99 -26.04
N PHE D 36 -9.08 1.56 -26.72
CA PHE D 36 -8.90 1.96 -28.09
C PHE D 36 -9.64 3.21 -28.28
N ASP D 37 -9.00 4.11 -28.98
CA ASP D 37 -9.64 5.34 -29.36
C ASP D 37 -9.38 5.66 -30.83
N SER D 38 -10.46 5.78 -31.61
CA SER D 38 -10.36 6.05 -33.04
C SER D 38 -9.57 7.35 -33.35
N ASP D 39 -9.53 8.29 -32.42
CA ASP D 39 -8.81 9.51 -32.65
C ASP D 39 -7.35 9.48 -32.27
N ALA D 40 -6.83 8.38 -31.69
CA ALA D 40 -5.41 8.34 -31.30
C ALA D 40 -4.67 7.89 -32.56
N ALA D 41 -3.38 8.20 -32.57
CA ALA D 41 -2.51 7.93 -33.70
C ALA D 41 -2.24 6.44 -33.95
N SER D 42 -2.15 5.64 -32.90
CA SER D 42 -1.70 4.26 -33.05
C SER D 42 -2.71 3.47 -33.92
N GLN D 43 -3.99 3.76 -33.80
CA GLN D 43 -4.97 2.86 -34.37
C GLN D 43 -4.77 1.39 -33.89
N ARG D 44 -4.42 1.23 -32.63
CA ARG D 44 -4.21 -0.10 -32.04
C ARG D 44 -4.87 -0.09 -30.67
N MET D 45 -5.30 -1.29 -30.30
CA MET D 45 -5.66 -1.58 -28.92
C MET D 45 -4.41 -1.36 -28.11
N GLU D 46 -4.51 -0.59 -27.04
CA GLU D 46 -3.36 -0.19 -26.21
C GLU D 46 -3.50 -0.71 -24.77
N PRO D 47 -2.37 -1.17 -24.12
CA PRO D 47 -2.38 -1.54 -22.69
C PRO D 47 -2.53 -0.35 -21.76
N ARG D 48 -3.29 -0.53 -20.68
N ARG D 48 -3.27 -0.54 -20.66
CA ARG D 48 -3.45 0.48 -19.61
CA ARG D 48 -3.38 0.46 -19.58
C ARG D 48 -3.21 -0.16 -18.21
C ARG D 48 -3.07 -0.11 -18.20
N ALA D 49 -2.63 -1.36 -18.15
CA ALA D 49 -2.19 -1.99 -16.91
C ALA D 49 -0.91 -2.78 -17.19
N PRO D 50 0.04 -2.81 -16.27
CA PRO D 50 1.32 -3.47 -16.60
C PRO D 50 1.25 -4.97 -16.91
N TRP D 51 0.35 -5.68 -16.29
CA TRP D 51 0.28 -7.14 -16.44
C TRP D 51 -0.27 -7.59 -17.80
N ILE D 52 -0.93 -6.70 -18.56
CA ILE D 52 -1.33 -7.07 -19.93
C ILE D 52 -0.19 -6.86 -20.99
N GLU D 53 0.82 -6.09 -20.64
CA GLU D 53 1.95 -5.88 -21.55
C GLU D 53 2.71 -7.18 -21.83
N GLN D 54 2.67 -8.10 -20.89
CA GLN D 54 3.02 -9.51 -21.12
C GLN D 54 2.61 -10.06 -22.47
N GLU D 55 1.41 -9.76 -22.94
CA GLU D 55 0.87 -10.47 -24.11
C GLU D 55 1.66 -10.18 -25.40
N GLY D 56 1.84 -11.19 -26.24
CA GLY D 56 2.69 -11.10 -27.42
C GLY D 56 1.99 -10.34 -28.54
N PRO D 57 2.71 -10.11 -29.64
CA PRO D 57 2.15 -9.38 -30.79
C PRO D 57 0.93 -9.99 -31.51
N GLU D 58 0.77 -11.31 -31.51
CA GLU D 58 -0.50 -11.92 -31.98
C GLU D 58 -1.74 -11.56 -31.14
N TYR D 59 -1.59 -11.42 -29.83
CA TYR D 59 -2.69 -10.95 -28.98
C TYR D 59 -3.14 -9.57 -29.47
N TRP D 60 -2.18 -8.68 -29.53
CA TRP D 60 -2.46 -7.30 -29.91
C TRP D 60 -2.93 -7.14 -31.31
N ASP D 61 -2.46 -7.98 -32.23
CA ASP D 61 -2.99 -7.95 -33.62
C ASP D 61 -4.44 -8.34 -33.63
N GLY D 62 -4.70 -9.48 -33.01
CA GLY D 62 -6.06 -9.97 -32.81
C GLY D 62 -7.02 -9.02 -32.14
N GLU D 63 -6.60 -8.34 -31.09
CA GLU D 63 -7.52 -7.51 -30.38
C GLU D 63 -7.78 -6.22 -31.19
N THR D 64 -6.77 -5.77 -31.87
CA THR D 64 -6.87 -4.63 -32.74
C THR D 64 -7.80 -4.94 -33.88
N ARG D 65 -7.69 -6.08 -34.53
CA ARG D 65 -8.71 -6.45 -35.58
C ARG D 65 -10.13 -6.54 -35.02
N LYS D 66 -10.31 -7.16 -33.86
CA LYS D 66 -11.66 -7.30 -33.27
C LYS D 66 -12.27 -5.96 -32.90
N VAL D 67 -11.46 -5.05 -32.39
CA VAL D 67 -12.00 -3.82 -31.96
C VAL D 67 -12.40 -2.92 -33.10
N LYS D 68 -11.69 -3.02 -34.22
CA LYS D 68 -12.02 -2.30 -35.42
C LYS D 68 -13.29 -2.87 -36.02
N ALA D 69 -13.48 -4.18 -35.94
CA ALA D 69 -14.75 -4.77 -36.37
C ALA D 69 -15.92 -4.27 -35.54
N HIS D 70 -15.72 -4.08 -34.20
CA HIS D 70 -16.76 -3.51 -33.37
C HIS D 70 -17.09 -2.06 -33.82
N SER D 71 -16.04 -1.24 -34.09
CA SER D 71 -16.28 0.17 -34.48
C SER D 71 -17.04 0.22 -35.81
N GLN D 72 -16.75 -0.69 -36.73
CA GLN D 72 -17.48 -0.65 -38.04
C GLN D 72 -18.99 -1.10 -37.86
N THR D 73 -19.24 -2.09 -37.04
CA THR D 73 -20.57 -2.47 -36.72
C THR D 73 -21.37 -1.28 -36.12
N HIS D 74 -20.82 -0.60 -35.15
CA HIS D 74 -21.45 0.58 -34.62
C HIS D 74 -21.70 1.68 -35.66
N ARG D 75 -20.77 1.87 -36.56
CA ARG D 75 -20.90 2.85 -37.62
C ARG D 75 -22.09 2.49 -38.50
N VAL D 76 -22.22 1.25 -38.86
CA VAL D 76 -23.39 0.80 -39.58
C VAL D 76 -24.68 1.01 -38.74
N ASP D 77 -24.66 0.67 -37.44
CA ASP D 77 -25.84 0.81 -36.59
C ASP D 77 -26.33 2.22 -36.44
N LEU D 78 -25.43 3.17 -36.29
CA LEU D 78 -25.79 4.55 -36.27
C LEU D 78 -26.62 4.97 -37.51
N GLY D 79 -26.23 4.54 -38.72
CA GLY D 79 -27.02 4.77 -39.90
C GLY D 79 -28.37 4.03 -39.91
N THR D 80 -28.37 2.75 -39.65
CA THR D 80 -29.60 1.95 -39.57
C THR D 80 -30.62 2.46 -38.50
N LEU D 81 -30.16 2.76 -37.31
CA LEU D 81 -31.05 3.29 -36.27
C LEU D 81 -31.56 4.72 -36.54
N ARG D 82 -30.78 5.54 -37.24
CA ARG D 82 -31.31 6.86 -37.60
C ARG D 82 -32.52 6.71 -38.54
N GLY D 83 -32.42 5.77 -39.48
CA GLY D 83 -33.57 5.40 -40.35
C GLY D 83 -34.71 4.71 -39.58
N TYR D 84 -34.43 3.69 -38.74
CA TYR D 84 -35.53 3.09 -37.96
C TYR D 84 -36.32 4.09 -37.12
N TYR D 85 -35.64 5.10 -36.58
CA TYR D 85 -36.29 6.16 -35.78
C TYR D 85 -36.65 7.43 -36.55
N ASN D 86 -36.44 7.43 -37.85
CA ASN D 86 -36.86 8.57 -38.66
C ASN D 86 -36.20 9.91 -38.25
N GLN D 87 -34.92 9.90 -37.95
CA GLN D 87 -34.22 11.11 -37.47
C GLN D 87 -33.55 11.73 -38.66
N SER D 88 -33.26 13.02 -38.58
CA SER D 88 -32.54 13.66 -39.70
C SER D 88 -31.10 13.25 -39.65
N GLU D 89 -30.43 13.43 -40.77
CA GLU D 89 -28.97 13.27 -40.76
C GLU D 89 -28.21 14.47 -40.13
N ALA D 90 -28.87 15.52 -39.69
CA ALA D 90 -28.19 16.68 -39.13
C ALA D 90 -27.59 16.46 -37.73
N GLY D 91 -28.18 15.61 -36.90
CA GLY D 91 -27.81 15.54 -35.47
C GLY D 91 -26.84 14.41 -35.16
N SER D 92 -26.08 14.58 -34.08
CA SER D 92 -25.21 13.62 -33.55
C SER D 92 -26.00 12.65 -32.65
N HIS D 93 -25.69 11.35 -32.79
CA HIS D 93 -26.28 10.30 -32.02
C HIS D 93 -25.22 9.32 -31.50
N THR D 94 -25.61 8.51 -30.52
CA THR D 94 -24.71 7.68 -29.80
C THR D 94 -25.23 6.28 -29.70
N VAL D 95 -24.33 5.34 -29.87
CA VAL D 95 -24.59 3.99 -29.56
C VAL D 95 -23.61 3.56 -28.44
N GLN D 96 -24.09 2.74 -27.51
CA GLN D 96 -23.24 2.22 -26.43
C GLN D 96 -23.48 0.74 -26.28
N ARG D 97 -22.41 0.03 -25.99
CA ARG D 97 -22.44 -1.44 -25.88
C ARG D 97 -21.60 -1.86 -24.70
N MET D 98 -22.07 -2.86 -23.96
CA MET D 98 -21.35 -3.36 -22.81
C MET D 98 -21.58 -4.83 -22.75
N TYR D 99 -20.51 -5.58 -22.62
CA TYR D 99 -20.65 -6.96 -22.38
C TYR D 99 -19.55 -7.48 -21.53
N GLY D 100 -19.77 -8.68 -21.01
CA GLY D 100 -18.76 -9.35 -20.17
C GLY D 100 -19.34 -10.53 -19.41
N CYS D 101 -18.47 -11.09 -18.56
CA CYS D 101 -18.79 -12.23 -17.74
C CYS D 101 -18.31 -12.06 -16.29
N ASP D 102 -19.02 -12.72 -15.39
CA ASP D 102 -18.68 -12.80 -13.99
C ASP D 102 -18.33 -14.24 -13.67
N VAL D 103 -17.42 -14.40 -12.76
CA VAL D 103 -17.16 -15.70 -12.17
C VAL D 103 -17.24 -15.53 -10.66
N GLY D 104 -17.52 -16.66 -10.00
CA GLY D 104 -17.59 -16.71 -8.54
C GLY D 104 -16.18 -16.86 -7.97
N SER D 105 -16.14 -16.93 -6.66
CA SER D 105 -14.98 -17.37 -5.85
C SER D 105 -14.17 -18.51 -6.39
N ASP D 106 -14.90 -19.50 -6.91
CA ASP D 106 -14.32 -20.71 -7.51
C ASP D 106 -13.80 -20.49 -8.94
N TRP D 107 -13.92 -19.27 -9.47
CA TRP D 107 -13.55 -18.92 -10.82
C TRP D 107 -14.31 -19.68 -11.91
N ARG D 108 -15.52 -20.20 -11.57
CA ARG D 108 -16.42 -20.78 -12.54
C ARG D 108 -17.41 -19.72 -12.97
N PHE D 109 -17.87 -19.87 -14.22
CA PHE D 109 -18.92 -19.03 -14.80
C PHE D 109 -20.09 -18.78 -13.82
N LEU D 110 -20.41 -17.52 -13.53
CA LEU D 110 -21.62 -17.17 -12.79
C LEU D 110 -22.71 -16.58 -13.71
N ARG D 111 -22.33 -15.61 -14.54
CA ARG D 111 -23.27 -14.98 -15.46
C ARG D 111 -22.60 -14.19 -16.52
N GLY D 112 -23.35 -13.92 -17.56
CA GLY D 112 -22.88 -13.15 -18.70
C GLY D 112 -23.94 -12.15 -19.11
N TYR D 113 -23.53 -11.13 -19.86
CA TYR D 113 -24.41 -10.04 -20.21
C TYR D 113 -23.89 -9.38 -21.45
N HIS D 114 -24.81 -8.78 -22.17
CA HIS D 114 -24.47 -8.08 -23.40
C HIS D 114 -25.57 -7.13 -23.62
N GLN D 115 -25.30 -5.87 -23.49
CA GLN D 115 -26.36 -4.90 -23.76
C GLN D 115 -26.01 -3.76 -24.58
N TYR D 116 -27.03 -3.13 -25.15
CA TYR D 116 -26.84 -2.14 -26.26
C TYR D 116 -27.84 -1.00 -26.02
N ALA D 117 -27.39 0.20 -26.19
CA ALA D 117 -28.20 1.39 -26.05
C ALA D 117 -28.02 2.36 -27.18
N TYR D 118 -29.09 3.11 -27.44
CA TYR D 118 -29.12 4.17 -28.45
C TYR D 118 -29.58 5.47 -27.80
N ASP D 119 -28.79 6.51 -28.04
CA ASP D 119 -28.94 7.80 -27.36
C ASP D 119 -29.20 7.72 -25.86
N GLY D 120 -28.48 6.80 -25.18
CA GLY D 120 -28.56 6.74 -23.76
C GLY D 120 -29.72 6.01 -23.15
N LYS D 121 -30.49 5.29 -23.97
CA LYS D 121 -31.59 4.43 -23.51
C LYS D 121 -31.43 2.99 -23.99
N ASP D 122 -31.89 2.08 -23.17
CA ASP D 122 -31.92 0.67 -23.52
C ASP D 122 -32.52 0.43 -24.91
N TYR D 123 -31.80 -0.35 -25.71
CA TYR D 123 -32.25 -0.72 -27.05
C TYR D 123 -32.52 -2.20 -27.04
N ILE D 124 -31.47 -3.04 -26.90
CA ILE D 124 -31.64 -4.50 -26.83
C ILE D 124 -30.62 -5.12 -25.86
N ALA D 125 -30.98 -6.19 -25.19
CA ALA D 125 -30.08 -6.82 -24.21
C ALA D 125 -30.26 -8.29 -24.24
N LEU D 126 -29.17 -9.04 -24.01
CA LEU D 126 -29.26 -10.48 -23.88
C LEU D 126 -29.88 -10.84 -22.54
N LYS D 127 -30.80 -11.79 -22.47
CA LYS D 127 -31.41 -12.18 -21.20
C LYS D 127 -30.45 -13.08 -20.43
N GLU D 128 -30.70 -13.22 -19.15
CA GLU D 128 -29.79 -13.98 -18.24
C GLU D 128 -29.54 -15.43 -18.74
N ASP D 129 -30.52 -16.09 -19.33
CA ASP D 129 -30.30 -17.44 -19.89
C ASP D 129 -29.35 -17.51 -21.13
N LEU D 130 -28.97 -16.35 -21.68
CA LEU D 130 -28.15 -16.22 -22.85
C LEU D 130 -28.68 -16.93 -24.09
N ARG D 131 -29.99 -17.11 -24.17
CA ARG D 131 -30.58 -17.73 -25.36
C ARG D 131 -31.68 -16.87 -25.98
N SER D 132 -31.91 -15.65 -25.50
CA SER D 132 -33.02 -14.85 -25.99
C SER D 132 -32.81 -13.40 -25.59
N TRP D 133 -33.61 -12.53 -26.20
CA TRP D 133 -33.39 -11.12 -26.12
C TRP D 133 -34.56 -10.31 -25.58
N THR D 134 -34.23 -9.15 -25.06
CA THR D 134 -35.16 -8.16 -24.54
C THR D 134 -35.00 -6.93 -25.44
N ALA D 135 -36.02 -6.59 -26.15
CA ALA D 135 -36.08 -5.39 -26.97
C ALA D 135 -36.93 -4.34 -26.30
N ALA D 136 -36.44 -3.13 -26.20
CA ALA D 136 -37.23 -2.05 -25.57
C ALA D 136 -38.36 -1.40 -26.35
N ASP D 137 -38.28 -1.45 -27.66
CA ASP D 137 -39.30 -0.83 -28.55
C ASP D 137 -39.36 -1.53 -29.92
N MET D 138 -40.15 -1.05 -30.86
CA MET D 138 -40.40 -1.78 -32.08
C MET D 138 -39.26 -1.75 -33.05
N ALA D 139 -38.31 -0.84 -32.89
CA ALA D 139 -37.12 -0.85 -33.72
C ALA D 139 -36.18 -1.94 -33.24
N ALA D 140 -36.02 -1.98 -31.94
CA ALA D 140 -35.24 -3.06 -31.32
C ALA D 140 -35.88 -4.42 -31.56
N GLN D 141 -37.18 -4.48 -31.60
CA GLN D 141 -37.87 -5.71 -31.98
C GLN D 141 -37.47 -6.21 -33.38
N THR D 142 -37.32 -5.30 -34.35
CA THR D 142 -36.80 -5.68 -35.65
C THR D 142 -35.37 -6.26 -35.55
N THR D 143 -34.51 -5.66 -34.72
CA THR D 143 -33.19 -6.16 -34.51
C THR D 143 -33.21 -7.55 -33.83
N LYS D 144 -34.04 -7.71 -32.81
CA LYS D 144 -34.22 -9.00 -32.19
C LYS D 144 -34.54 -10.11 -33.22
N HIS D 145 -35.47 -9.83 -34.14
CA HIS D 145 -35.83 -10.82 -35.16
C HIS D 145 -34.62 -11.15 -36.05
N LYS D 146 -33.85 -10.16 -36.39
CA LYS D 146 -32.71 -10.38 -37.28
C LYS D 146 -31.65 -11.32 -36.57
N TRP D 147 -31.40 -11.00 -35.31
CA TRP D 147 -30.43 -11.73 -34.49
C TRP D 147 -30.87 -13.13 -34.12
N GLU D 148 -32.15 -13.32 -33.91
CA GLU D 148 -32.66 -14.65 -33.80
C GLU D 148 -32.49 -15.49 -35.09
N ALA D 149 -32.82 -14.94 -36.27
CA ALA D 149 -32.64 -15.68 -37.55
C ALA D 149 -31.15 -15.99 -37.84
N ALA D 150 -30.28 -15.07 -37.51
CA ALA D 150 -28.83 -15.25 -37.59
C ALA D 150 -28.17 -16.02 -36.43
N HIS D 151 -28.91 -16.56 -35.46
CA HIS D 151 -28.32 -17.34 -34.32
C HIS D 151 -27.24 -16.66 -33.45
N VAL D 152 -27.36 -15.37 -33.26
CA VAL D 152 -26.38 -14.55 -32.53
C VAL D 152 -26.22 -14.97 -31.05
N ALA D 153 -27.32 -15.38 -30.41
CA ALA D 153 -27.29 -15.78 -29.01
C ALA D 153 -26.37 -17.01 -28.77
N GLU D 154 -26.45 -18.03 -29.62
CA GLU D 154 -25.56 -19.21 -29.57
C GLU D 154 -24.10 -18.78 -29.53
N GLN D 155 -23.72 -17.84 -30.39
CA GLN D 155 -22.31 -17.58 -30.51
C GLN D 155 -21.82 -16.67 -29.40
N LEU D 156 -22.62 -15.73 -28.97
CA LEU D 156 -22.35 -15.01 -27.75
C LEU D 156 -22.23 -15.89 -26.50
N ARG D 157 -23.10 -16.88 -26.41
CA ARG D 157 -23.13 -17.73 -25.30
C ARG D 157 -21.85 -18.51 -25.30
N ALA D 158 -21.39 -19.01 -26.45
CA ALA D 158 -20.11 -19.73 -26.51
C ALA D 158 -18.96 -18.86 -25.99
N TYR D 159 -18.96 -17.57 -26.34
CA TYR D 159 -17.98 -16.64 -25.83
C TYR D 159 -18.18 -16.31 -24.30
N LEU D 160 -19.40 -16.00 -23.89
CA LEU D 160 -19.60 -15.58 -22.49
C LEU D 160 -19.29 -16.68 -21.53
N GLU D 161 -19.63 -17.90 -21.90
CA GLU D 161 -19.51 -19.00 -20.96
C GLU D 161 -18.15 -19.68 -21.07
N GLY D 162 -17.36 -19.34 -22.08
CA GLY D 162 -16.21 -20.15 -22.46
C GLY D 162 -15.00 -19.22 -22.52
N THR D 163 -14.78 -18.67 -23.69
CA THR D 163 -13.68 -17.74 -23.92
C THR D 163 -13.52 -16.65 -22.87
N CYS D 164 -14.59 -15.89 -22.56
CA CYS D 164 -14.54 -14.79 -21.63
C CYS D 164 -14.02 -15.22 -20.24
N VAL D 165 -14.55 -16.33 -19.72
CA VAL D 165 -14.10 -16.83 -18.46
C VAL D 165 -12.66 -17.35 -18.52
N GLU D 166 -12.28 -18.05 -19.60
CA GLU D 166 -10.91 -18.54 -19.77
C GLU D 166 -9.87 -17.39 -19.77
N TRP D 167 -10.14 -16.31 -20.52
CA TRP D 167 -9.24 -15.13 -20.51
C TRP D 167 -9.25 -14.35 -19.18
N LEU D 168 -10.41 -14.29 -18.53
CA LEU D 168 -10.51 -13.68 -17.21
C LEU D 168 -9.59 -14.38 -16.20
N ARG D 169 -9.61 -15.70 -16.20
CA ARG D 169 -8.72 -16.48 -15.30
C ARG D 169 -7.21 -16.28 -15.57
N ARG D 170 -6.87 -16.22 -16.84
CA ARG D 170 -5.52 -15.96 -17.25
C ARG D 170 -5.11 -14.56 -16.80
N TYR D 171 -5.95 -13.54 -16.96
CA TYR D 171 -5.59 -12.22 -16.51
C TYR D 171 -5.50 -12.15 -14.97
N LEU D 172 -6.44 -12.78 -14.26
CA LEU D 172 -6.36 -12.85 -12.80
C LEU D 172 -5.04 -13.46 -12.37
N GLU D 173 -4.53 -14.48 -13.06
CA GLU D 173 -3.24 -15.08 -12.62
C GLU D 173 -2.08 -14.16 -13.05
N ASN D 174 -2.09 -13.63 -14.26
CA ASN D 174 -1.02 -12.75 -14.69
C ASN D 174 -0.98 -11.43 -13.89
N GLY D 175 -2.13 -10.85 -13.52
CA GLY D 175 -2.12 -9.63 -12.73
C GLY D 175 -2.33 -9.91 -11.25
N LYS D 176 -1.93 -11.07 -10.77
CA LYS D 176 -2.23 -11.55 -9.41
C LYS D 176 -1.90 -10.52 -8.32
N GLU D 177 -0.69 -9.96 -8.45
CA GLU D 177 -0.11 -9.07 -7.44
C GLU D 177 -1.07 -7.87 -7.19
N THR D 178 -1.83 -7.44 -8.16
CA THR D 178 -2.83 -6.42 -7.92
C THR D 178 -4.29 -6.88 -7.97
N LEU D 179 -4.64 -7.63 -9.02
CA LEU D 179 -6.00 -7.99 -9.25
C LEU D 179 -6.58 -8.86 -8.12
N GLN D 180 -5.77 -9.67 -7.46
CA GLN D 180 -6.24 -10.45 -6.35
C GLN D 180 -5.82 -9.87 -4.99
N ARG D 181 -5.36 -8.65 -4.92
CA ARG D 181 -5.12 -7.96 -3.63
C ARG D 181 -6.34 -7.10 -3.40
N THR D 182 -6.91 -7.14 -2.22
CA THR D 182 -7.81 -6.10 -1.86
C THR D 182 -7.11 -5.06 -0.96
N ASP D 183 -7.44 -3.80 -1.16
CA ASP D 183 -6.95 -2.71 -0.35
C ASP D 183 -8.07 -2.19 0.51
N ALA D 184 -7.98 -2.48 1.81
CA ALA D 184 -8.88 -1.97 2.77
C ALA D 184 -8.84 -0.44 2.88
N PRO D 185 -9.97 0.18 3.21
CA PRO D 185 -9.94 1.63 3.27
C PRO D 185 -9.17 2.12 4.46
N LYS D 186 -8.47 3.20 4.22
CA LYS D 186 -7.82 3.92 5.28
C LYS D 186 -8.78 4.99 5.77
N THR D 187 -9.15 4.91 7.01
CA THR D 187 -10.19 5.73 7.52
C THR D 187 -9.77 6.65 8.59
N HIS D 188 -10.45 7.78 8.69
CA HIS D 188 -10.31 8.70 9.79
C HIS D 188 -11.50 9.62 9.76
N MET D 189 -11.56 10.46 10.79
CA MET D 189 -12.75 11.28 11.04
C MET D 189 -12.31 12.67 11.17
N THR D 190 -13.03 13.62 10.60
CA THR D 190 -12.72 15.07 10.81
C THR D 190 -13.91 15.76 11.43
N HIS D 191 -13.62 16.87 12.09
CA HIS D 191 -14.55 17.60 12.87
C HIS D 191 -14.54 19.05 12.39
N HIS D 192 -15.72 19.64 12.15
CA HIS D 192 -15.80 21.04 11.63
C HIS D 192 -16.85 21.77 12.44
N ALA D 193 -16.50 22.84 13.10
CA ALA D 193 -17.51 23.57 13.88
C ALA D 193 -18.28 24.41 12.91
N VAL D 194 -19.48 23.94 12.55
CA VAL D 194 -20.44 24.69 11.77
C VAL D 194 -20.82 26.05 12.42
N SER D 195 -21.20 26.00 13.70
CA SER D 195 -21.55 27.19 14.50
C SER D 195 -21.16 26.93 15.95
N ASP D 196 -21.49 27.82 16.88
CA ASP D 196 -21.32 27.53 18.32
C ASP D 196 -22.11 26.32 18.88
N HIS D 197 -23.15 25.89 18.19
CA HIS D 197 -24.07 24.90 18.72
C HIS D 197 -24.15 23.67 17.90
N GLU D 198 -23.59 23.64 16.69
CA GLU D 198 -23.60 22.45 15.88
C GLU D 198 -22.21 22.24 15.34
N ALA D 199 -21.93 20.98 15.02
CA ALA D 199 -20.69 20.57 14.39
C ALA D 199 -21.00 19.57 13.34
N THR D 200 -20.10 19.44 12.40
CA THR D 200 -20.16 18.42 11.36
C THR D 200 -19.01 17.42 11.60
N LEU D 201 -19.32 16.16 11.52
CA LEU D 201 -18.35 15.10 11.54
C LEU D 201 -18.31 14.48 10.20
N ARG D 202 -17.10 14.36 9.63
CA ARG D 202 -16.97 13.72 8.36
C ARG D 202 -16.08 12.44 8.46
N CYS D 203 -16.66 11.36 7.96
CA CYS D 203 -15.99 10.06 8.01
C CYS D 203 -15.41 9.75 6.63
N TRP D 204 -14.09 9.60 6.56
CA TRP D 204 -13.36 9.35 5.31
C TRP D 204 -12.92 7.89 5.15
N ALA D 205 -13.07 7.39 3.92
CA ALA D 205 -12.53 6.13 3.49
C ALA D 205 -11.66 6.37 2.25
N LEU D 206 -10.35 6.16 2.39
CA LEU D 206 -9.45 6.47 1.31
C LEU D 206 -8.66 5.27 0.87
N SER D 207 -8.20 5.37 -0.38
CA SER D 207 -7.24 4.49 -0.96
C SER D 207 -7.65 3.00 -0.85
N PHE D 208 -8.91 2.74 -1.14
CA PHE D 208 -9.48 1.41 -1.14
C PHE D 208 -9.73 0.84 -2.55
N TYR D 209 -9.69 -0.49 -2.65
CA TYR D 209 -9.96 -1.26 -3.85
C TYR D 209 -10.48 -2.67 -3.41
N PRO D 210 -11.62 -3.16 -3.97
CA PRO D 210 -12.40 -2.52 -5.09
C PRO D 210 -13.27 -1.34 -4.68
N ALA D 211 -13.98 -0.78 -5.65
CA ALA D 211 -14.79 0.44 -5.42
C ALA D 211 -16.03 0.19 -4.47
N GLU D 212 -16.65 -0.99 -4.48
CA GLU D 212 -17.86 -1.27 -3.66
C GLU D 212 -17.53 -1.03 -2.16
N ILE D 213 -18.26 -0.16 -1.47
CA ILE D 213 -18.08 0.12 -0.06
C ILE D 213 -19.38 0.62 0.57
N THR D 214 -19.61 0.47 1.87
CA THR D 214 -20.74 1.10 2.52
C THR D 214 -20.27 1.86 3.74
N LEU D 215 -20.66 3.13 3.81
CA LEU D 215 -20.45 3.95 4.98
C LEU D 215 -21.78 4.36 5.50
N THR D 216 -22.02 4.15 6.79
CA THR D 216 -23.33 4.45 7.41
C THR D 216 -23.04 5.06 8.80
N TRP D 217 -23.79 6.07 9.20
CA TRP D 217 -23.79 6.66 10.48
C TRP D 217 -24.84 6.04 11.37
N GLN D 218 -24.48 5.92 12.64
CA GLN D 218 -25.38 5.55 13.72
C GLN D 218 -25.36 6.57 14.84
N ARG D 219 -26.50 6.69 15.51
CA ARG D 219 -26.61 7.54 16.69
C ARG D 219 -27.08 6.61 17.73
N ASP D 220 -26.33 6.56 18.82
CA ASP D 220 -26.60 5.62 19.93
C ASP D 220 -26.89 4.20 19.43
N GLY D 221 -26.11 3.70 18.48
CA GLY D 221 -26.27 2.35 17.94
C GLY D 221 -27.38 2.15 16.91
N GLU D 222 -28.11 3.20 16.47
CA GLU D 222 -29.05 2.99 15.33
C GLU D 222 -28.81 3.85 14.13
N ASP D 223 -29.05 3.31 12.94
CA ASP D 223 -28.82 4.03 11.68
C ASP D 223 -29.45 5.36 11.62
N GLN D 224 -28.68 6.30 11.12
CA GLN D 224 -29.16 7.61 10.94
C GLN D 224 -28.89 8.10 9.53
N THR D 225 -29.96 8.65 9.00
CA THR D 225 -30.15 9.11 7.64
C THR D 225 -30.40 10.63 7.55
N GLN D 226 -31.22 11.16 8.47
CA GLN D 226 -31.47 12.56 8.66
C GLN D 226 -30.13 13.28 8.91
N ASP D 227 -29.96 14.42 8.25
CA ASP D 227 -28.84 15.33 8.47
C ASP D 227 -27.51 14.75 8.08
N THR D 228 -27.51 13.82 7.14
CA THR D 228 -26.27 13.24 6.66
C THR D 228 -26.11 13.57 5.17
N GLU D 229 -24.87 13.50 4.71
CA GLU D 229 -24.56 13.66 3.32
C GLU D 229 -23.55 12.54 3.00
N LEU D 230 -23.62 12.01 1.79
CA LEU D 230 -22.80 10.91 1.34
C LEU D 230 -22.39 11.30 -0.06
N VAL D 231 -21.10 11.46 -0.38
CA VAL D 231 -20.70 11.69 -1.80
C VAL D 231 -20.61 10.37 -2.57
N GLU D 232 -20.77 10.47 -3.86
CA GLU D 232 -20.51 9.34 -4.69
C GLU D 232 -19.04 8.87 -4.61
N THR D 233 -18.84 7.57 -4.74
CA THR D 233 -17.50 6.97 -4.71
C THR D 233 -16.70 7.51 -5.93
N ARG D 234 -15.47 7.88 -5.68
CA ARG D 234 -14.70 8.59 -6.64
C ARG D 234 -13.33 8.02 -6.81
N PRO D 235 -12.79 8.07 -8.02
CA PRO D 235 -11.47 7.54 -8.24
C PRO D 235 -10.36 8.45 -7.69
N ALA D 236 -9.36 7.86 -7.04
CA ALA D 236 -8.21 8.65 -6.63
C ALA D 236 -7.28 8.97 -7.78
N GLY D 237 -7.30 8.18 -8.86
CA GLY D 237 -6.41 8.39 -10.03
C GLY D 237 -5.22 7.42 -10.06
N ASP D 238 -4.95 6.73 -8.95
CA ASP D 238 -3.89 5.71 -8.87
C ASP D 238 -4.42 4.30 -8.83
N GLY D 239 -5.70 4.13 -9.20
CA GLY D 239 -6.36 2.88 -9.21
C GLY D 239 -7.19 2.53 -7.96
N THR D 240 -7.12 3.30 -6.91
CA THR D 240 -7.98 3.14 -5.72
C THR D 240 -9.07 4.23 -5.74
N PHE D 241 -9.96 4.11 -4.78
CA PHE D 241 -11.12 4.91 -4.62
C PHE D 241 -11.19 5.61 -3.27
N GLN D 242 -12.05 6.63 -3.24
CA GLN D 242 -12.29 7.47 -2.08
C GLN D 242 -13.82 7.64 -1.86
N LYS D 243 -14.23 7.81 -0.62
CA LYS D 243 -15.58 8.19 -0.30
C LYS D 243 -15.62 8.78 1.03
N TRP D 244 -16.58 9.65 1.26
CA TRP D 244 -16.86 10.14 2.61
C TRP D 244 -18.35 10.29 2.92
N ALA D 245 -18.66 10.38 4.21
CA ALA D 245 -20.03 10.51 4.72
C ALA D 245 -19.97 11.50 5.86
N ALA D 246 -20.98 12.39 6.00
CA ALA D 246 -20.95 13.43 7.01
C ALA D 246 -22.27 13.47 7.70
N VAL D 247 -22.26 13.96 8.92
CA VAL D 247 -23.46 14.12 9.71
C VAL D 247 -23.30 15.39 10.54
N VAL D 248 -24.38 16.12 10.71
CA VAL D 248 -24.43 17.30 11.53
C VAL D 248 -25.02 16.91 12.90
N VAL D 249 -24.40 17.43 13.97
CA VAL D 249 -24.66 17.02 15.33
C VAL D 249 -24.61 18.21 16.23
N PRO D 250 -25.36 18.16 17.33
CA PRO D 250 -25.21 19.20 18.32
C PRO D 250 -23.84 19.19 18.92
N SER D 251 -23.31 20.37 19.11
CA SER D 251 -21.98 20.48 19.65
C SER D 251 -21.96 19.96 21.09
N GLY D 252 -20.97 19.08 21.41
CA GLY D 252 -20.88 18.37 22.71
C GLY D 252 -21.50 16.97 22.71
N GLN D 253 -22.17 16.56 21.63
CA GLN D 253 -22.78 15.22 21.49
C GLN D 253 -22.09 14.29 20.53
N GLU D 254 -20.91 14.68 20.07
CA GLU D 254 -20.13 13.92 19.12
C GLU D 254 -19.91 12.45 19.50
N GLN D 255 -19.71 12.15 20.76
CA GLN D 255 -19.44 10.77 21.17
C GLN D 255 -20.56 9.79 20.91
N ARG D 256 -21.79 10.30 20.76
CA ARG D 256 -22.90 9.42 20.48
C ARG D 256 -22.90 8.83 19.09
N TYR D 257 -22.16 9.42 18.16
CA TYR D 257 -22.27 9.04 16.75
C TYR D 257 -21.11 8.14 16.38
N THR D 258 -21.37 7.14 15.53
CA THR D 258 -20.37 6.26 14.99
C THR D 258 -20.56 6.00 13.48
N CYS D 259 -19.44 5.93 12.80
CA CYS D 259 -19.42 5.70 11.37
C CYS D 259 -19.00 4.25 11.13
N HIS D 260 -19.72 3.52 10.30
CA HIS D 260 -19.48 2.10 10.14
C HIS D 260 -19.08 1.91 8.68
N VAL D 261 -18.04 1.13 8.45
CA VAL D 261 -17.46 0.95 7.16
C VAL D 261 -17.37 -0.51 6.86
N GLN D 262 -17.95 -0.90 5.73
CA GLN D 262 -17.95 -2.25 5.22
C GLN D 262 -17.32 -2.27 3.89
N HIS D 263 -16.47 -3.28 3.65
CA HIS D 263 -15.70 -3.39 2.48
C HIS D 263 -15.14 -4.79 2.46
N GLU D 264 -15.05 -5.38 1.30
CA GLU D 264 -14.49 -6.73 1.09
C GLU D 264 -13.09 -7.03 1.74
N GLY D 265 -12.26 -6.00 1.79
CA GLY D 265 -11.00 -6.10 2.43
C GLY D 265 -10.99 -6.01 3.94
N LEU D 266 -12.16 -5.96 4.59
CA LEU D 266 -12.25 -5.84 6.02
C LEU D 266 -13.03 -7.02 6.59
N PRO D 267 -12.31 -8.02 7.16
CA PRO D 267 -12.94 -9.07 7.93
C PRO D 267 -14.08 -8.67 8.80
N LYS D 268 -13.96 -7.57 9.54
CA LYS D 268 -15.04 -7.12 10.39
C LYS D 268 -15.21 -5.73 9.90
N PRO D 269 -16.45 -5.23 9.85
CA PRO D 269 -16.61 -3.79 9.64
C PRO D 269 -15.89 -2.94 10.72
N LEU D 270 -15.41 -1.78 10.31
CA LEU D 270 -14.77 -0.84 11.23
C LEU D 270 -15.82 0.08 11.79
N THR D 271 -15.61 0.56 13.03
CA THR D 271 -16.42 1.57 13.69
C THR D 271 -15.49 2.74 14.10
N LEU D 272 -15.87 3.98 13.74
CA LEU D 272 -15.12 5.17 14.11
C LEU D 272 -16.00 5.98 14.99
N ARG D 273 -15.39 6.63 15.97
CA ARG D 273 -16.07 7.46 16.93
C ARG D 273 -15.18 8.66 17.27
N TRP D 274 -15.73 9.87 17.31
CA TRP D 274 -14.95 11.04 17.62
C TRP D 274 -14.51 11.04 19.11
N GLU D 275 -13.18 10.99 19.27
CA GLU D 275 -12.38 11.15 20.53
C GLU D 275 -11.86 12.53 20.91
N PRO D 276 -12.42 13.15 21.97
CA PRO D 276 -11.70 14.14 22.77
C PRO D 276 -10.37 13.63 23.41
N MET E 1 -32.46 12.60 -27.65
CA MET E 1 -31.57 12.61 -26.45
C MET E 1 -32.42 12.97 -25.20
N ILE E 2 -32.30 12.13 -24.16
CA ILE E 2 -32.58 12.58 -22.79
C ILE E 2 -31.17 13.10 -22.43
N GLN E 3 -31.14 14.34 -21.95
CA GLN E 3 -29.91 14.96 -21.57
C GLN E 3 -29.82 14.87 -20.04
N ARG E 4 -28.63 14.53 -19.56
CA ARG E 4 -28.29 14.45 -18.14
C ARG E 4 -27.09 15.36 -17.84
N THR E 5 -27.27 16.22 -16.86
CA THR E 5 -26.28 17.21 -16.50
C THR E 5 -25.19 16.56 -15.66
N PRO E 6 -23.95 17.04 -15.76
CA PRO E 6 -22.90 16.40 -14.96
C PRO E 6 -22.92 16.69 -13.48
N LYS E 7 -22.67 15.66 -12.65
CA LYS E 7 -22.22 15.84 -11.27
C LYS E 7 -20.73 16.11 -11.28
N ILE E 8 -20.24 16.93 -10.36
CA ILE E 8 -18.81 17.36 -10.36
C ILE E 8 -18.26 17.23 -8.97
N GLN E 9 -17.14 16.53 -8.79
CA GLN E 9 -16.43 16.61 -7.53
C GLN E 9 -15.03 17.08 -7.83
N VAL E 10 -14.54 18.00 -7.01
CA VAL E 10 -13.17 18.49 -7.14
C VAL E 10 -12.46 18.13 -5.86
N TYR E 11 -11.28 17.51 -5.98
CA TYR E 11 -10.63 16.94 -4.81
C TYR E 11 -9.16 16.61 -5.11
N SER E 12 -8.38 16.48 -4.04
CA SER E 12 -7.01 16.03 -4.20
C SER E 12 -6.88 14.50 -4.07
N ARG E 13 -5.89 13.91 -4.72
CA ARG E 13 -5.63 12.50 -4.63
C ARG E 13 -5.25 12.18 -3.17
N HIS E 14 -4.39 12.95 -2.53
CA HIS E 14 -3.93 12.67 -1.20
C HIS E 14 -4.35 13.85 -0.34
N PRO E 15 -4.39 13.68 0.99
CA PRO E 15 -4.61 14.78 1.93
C PRO E 15 -3.74 15.93 1.65
N ALA E 16 -4.28 17.12 1.77
CA ALA E 16 -3.59 18.26 1.29
C ALA E 16 -2.66 18.87 2.35
N GLU E 17 -1.45 19.21 1.93
CA GLU E 17 -0.48 19.84 2.83
C GLU E 17 0.21 20.86 2.00
N ASN E 18 0.18 22.07 2.49
CA ASN E 18 0.81 23.12 1.73
C ASN E 18 2.26 22.86 1.47
N GLY E 19 2.65 23.02 0.22
CA GLY E 19 4.04 22.89 -0.21
C GLY E 19 4.38 21.48 -0.59
N LYS E 20 3.47 20.54 -0.41
CA LYS E 20 3.74 19.21 -0.89
C LYS E 20 2.98 18.87 -2.12
N SER E 21 3.70 18.32 -3.07
CA SER E 21 3.19 17.91 -4.35
C SER E 21 2.05 16.85 -4.27
N ASN E 22 1.12 16.89 -5.19
CA ASN E 22 -0.14 16.21 -5.05
C ASN E 22 -0.81 16.14 -6.45
N PHE E 23 -2.04 15.67 -6.54
CA PHE E 23 -2.79 15.60 -7.80
C PHE E 23 -4.17 16.21 -7.54
N LEU E 24 -4.57 17.14 -8.41
CA LEU E 24 -5.89 17.69 -8.38
C LEU E 24 -6.79 16.99 -9.44
N ASN E 25 -7.94 16.53 -8.98
CA ASN E 25 -8.87 15.70 -9.69
C ASN E 25 -10.17 16.45 -9.82
N CYS E 26 -10.75 16.36 -11.00
CA CYS E 26 -12.10 16.83 -11.22
C CYS E 26 -12.82 15.67 -11.88
N TYR E 27 -13.75 15.12 -11.16
CA TYR E 27 -14.46 13.94 -11.51
C TYR E 27 -15.83 14.37 -11.96
N VAL E 28 -16.15 14.11 -13.23
CA VAL E 28 -17.43 14.47 -13.83
C VAL E 28 -18.13 13.17 -14.18
N SER E 29 -19.38 13.03 -13.75
CA SER E 29 -20.14 11.75 -13.92
C SER E 29 -21.61 12.05 -14.13
N GLY E 30 -22.35 11.06 -14.56
CA GLY E 30 -23.80 11.16 -14.62
C GLY E 30 -24.29 11.98 -15.79
N PHE E 31 -23.49 12.14 -16.82
CA PHE E 31 -23.87 13.02 -17.90
C PHE E 31 -24.10 12.29 -19.23
N HIS E 32 -24.87 12.93 -20.11
CA HIS E 32 -25.19 12.42 -21.43
C HIS E 32 -25.70 13.64 -22.26
N PRO E 33 -25.29 13.82 -23.53
CA PRO E 33 -24.35 13.02 -24.29
C PRO E 33 -22.90 13.22 -23.81
N SER E 34 -21.93 12.61 -24.50
CA SER E 34 -20.57 12.46 -24.00
C SER E 34 -19.71 13.69 -24.16
N ASP E 35 -20.00 14.52 -25.16
CA ASP E 35 -19.17 15.71 -25.38
C ASP E 35 -19.26 16.63 -24.21
N ILE E 36 -18.12 17.01 -23.67
CA ILE E 36 -18.06 17.86 -22.51
C ILE E 36 -16.74 18.56 -22.55
N GLU E 37 -16.65 19.77 -22.00
CA GLU E 37 -15.37 20.49 -21.91
C GLU E 37 -15.05 20.69 -20.41
N VAL E 38 -13.89 20.27 -19.98
CA VAL E 38 -13.46 20.37 -18.57
C VAL E 38 -12.08 21.01 -18.52
N ASP E 39 -11.98 22.13 -17.81
CA ASP E 39 -10.76 22.77 -17.49
C ASP E 39 -10.53 22.79 -16.00
N LEU E 40 -9.24 22.72 -15.60
CA LEU E 40 -8.78 23.00 -14.21
C LEU E 40 -8.15 24.36 -14.16
N LEU E 41 -8.53 25.12 -13.14
CA LEU E 41 -8.11 26.48 -12.98
C LEU E 41 -7.23 26.69 -11.75
N LYS E 42 -6.17 27.48 -11.92
CA LYS E 42 -5.40 28.01 -10.83
C LYS E 42 -5.57 29.53 -10.85
N ASN E 43 -6.18 30.05 -9.78
CA ASN E 43 -6.46 31.46 -9.64
C ASN E 43 -7.08 32.08 -10.90
N GLY E 44 -7.99 31.35 -11.51
CA GLY E 44 -8.69 31.82 -12.69
C GLY E 44 -8.14 31.30 -13.99
N GLU E 45 -6.88 30.91 -14.11
CA GLU E 45 -6.36 30.55 -15.46
C GLU E 45 -6.30 29.11 -15.71
N ARG E 46 -6.56 28.77 -16.96
CA ARG E 46 -6.59 27.42 -17.37
C ARG E 46 -5.19 26.82 -17.22
N ILE E 47 -5.14 25.66 -16.57
CA ILE E 47 -3.91 24.87 -16.44
C ILE E 47 -3.75 24.08 -17.74
N GLU E 48 -2.57 24.11 -18.35
CA GLU E 48 -2.30 23.31 -19.56
C GLU E 48 -1.81 21.95 -19.04
N LYS E 49 -1.68 20.90 -19.81
CA LYS E 49 -1.12 19.64 -19.19
C LYS E 49 -2.05 19.03 -18.09
N VAL E 50 -3.29 18.90 -18.52
CA VAL E 50 -4.30 18.21 -17.76
C VAL E 50 -4.48 16.95 -18.53
N GLU E 51 -4.58 15.87 -17.83
CA GLU E 51 -4.74 14.56 -18.42
C GLU E 51 -6.16 14.14 -18.06
N HIS E 52 -6.70 13.21 -18.82
CA HIS E 52 -8.03 12.68 -18.51
C HIS E 52 -8.08 11.19 -18.79
N SER E 53 -9.02 10.54 -18.15
CA SER E 53 -9.27 9.11 -18.30
C SER E 53 -9.96 8.82 -19.67
N ASP E 54 -10.03 7.56 -20.00
CA ASP E 54 -10.75 7.09 -21.16
C ASP E 54 -12.26 7.03 -20.84
N LEU E 55 -13.06 7.55 -21.77
CA LEU E 55 -14.50 7.62 -21.56
C LEU E 55 -15.12 6.23 -21.29
N SER E 56 -15.87 6.17 -20.20
CA SER E 56 -16.65 5.01 -19.92
C SER E 56 -18.00 5.45 -19.36
N PHE E 57 -18.81 4.48 -19.01
CA PHE E 57 -20.12 4.75 -18.54
C PHE E 57 -20.64 3.79 -17.54
N SER E 58 -21.65 4.21 -16.80
CA SER E 58 -22.19 3.46 -15.67
C SER E 58 -23.35 2.60 -16.11
N LYS E 59 -23.90 1.89 -15.15
CA LYS E 59 -25.11 1.08 -15.33
C LYS E 59 -26.33 1.79 -16.00
N ASP E 60 -26.56 3.08 -15.75
CA ASP E 60 -27.68 3.78 -16.42
C ASP E 60 -27.26 4.44 -17.75
N TRP E 61 -26.12 4.04 -18.27
CA TRP E 61 -25.58 4.56 -19.52
C TRP E 61 -24.99 5.93 -19.46
N SER E 62 -24.98 6.52 -18.30
CA SER E 62 -24.40 7.87 -18.17
C SER E 62 -22.88 7.81 -18.09
N PHE E 63 -22.26 8.85 -18.63
CA PHE E 63 -20.82 8.84 -18.84
C PHE E 63 -20.09 9.36 -17.60
N TYR E 64 -18.85 8.92 -17.45
CA TYR E 64 -17.99 9.55 -16.45
C TYR E 64 -16.56 9.63 -16.95
N LEU E 65 -15.89 10.65 -16.41
CA LEU E 65 -14.52 10.96 -16.75
C LEU E 65 -13.81 11.58 -15.53
N LEU E 66 -12.52 11.30 -15.49
CA LEU E 66 -11.58 11.95 -14.53
C LEU E 66 -10.60 12.86 -15.25
N TYR E 67 -10.57 14.12 -14.86
CA TYR E 67 -9.52 15.01 -15.31
C TYR E 67 -8.57 15.26 -14.14
N TYR E 68 -7.29 15.35 -14.40
CA TYR E 68 -6.34 15.52 -13.31
C TYR E 68 -5.10 16.20 -13.80
N THR E 69 -4.43 16.85 -12.86
CA THR E 69 -3.12 17.35 -13.08
C THR E 69 -2.31 17.30 -11.74
N GLU E 70 -1.02 17.41 -11.89
CA GLU E 70 -0.08 17.52 -10.78
C GLU E 70 -0.19 18.91 -10.24
N PHE E 71 -0.22 19.09 -8.93
CA PHE E 71 -0.15 20.43 -8.36
C PHE E 71 0.43 20.46 -6.96
N THR E 72 0.68 21.64 -6.46
CA THR E 72 1.26 21.86 -5.12
C THR E 72 0.41 22.86 -4.38
N PRO E 73 -0.41 22.42 -3.45
CA PRO E 73 -1.27 23.38 -2.82
C PRO E 73 -0.48 24.28 -1.91
N THR E 74 -1.10 25.44 -1.64
CA THR E 74 -0.62 26.51 -0.76
C THR E 74 -1.76 27.10 0.03
N GLU E 75 -1.43 27.88 1.04
CA GLU E 75 -2.44 28.62 1.79
C GLU E 75 -3.35 29.50 0.89
N LYS E 76 -2.79 30.28 -0.04
CA LYS E 76 -3.55 31.35 -0.73
C LYS E 76 -4.09 31.00 -2.12
N ASP E 77 -3.45 30.09 -2.84
CA ASP E 77 -3.88 29.80 -4.22
C ASP E 77 -5.26 29.13 -4.29
N GLU E 78 -6.15 29.61 -5.18
CA GLU E 78 -7.46 28.99 -5.45
C GLU E 78 -7.32 28.00 -6.58
N TYR E 79 -7.90 26.81 -6.38
CA TYR E 79 -8.03 25.86 -7.48
C TYR E 79 -9.49 25.54 -7.73
N ALA E 80 -9.81 25.23 -8.97
CA ALA E 80 -11.20 24.99 -9.34
C ALA E 80 -11.32 24.16 -10.58
N CYS E 81 -12.52 23.64 -10.84
CA CYS E 81 -12.80 22.93 -12.05
C CYS E 81 -13.94 23.66 -12.74
N ARG E 82 -13.80 23.88 -14.04
CA ARG E 82 -14.83 24.54 -14.84
C ARG E 82 -15.34 23.59 -15.93
N VAL E 83 -16.65 23.39 -15.96
CA VAL E 83 -17.24 22.39 -16.86
C VAL E 83 -18.28 23.01 -17.76
N ASN E 84 -18.25 22.66 -19.04
CA ASN E 84 -19.34 23.05 -19.95
C ASN E 84 -19.90 21.79 -20.66
N HIS E 85 -21.20 21.84 -20.86
CA HIS E 85 -21.98 20.71 -21.38
C HIS E 85 -23.22 21.32 -22.00
N VAL E 86 -23.80 20.64 -22.98
CA VAL E 86 -25.02 21.12 -23.64
C VAL E 86 -26.15 21.37 -22.61
N THR E 87 -26.18 20.67 -21.48
CA THR E 87 -27.22 20.88 -20.46
C THR E 87 -27.03 22.14 -19.66
N LEU E 88 -25.84 22.71 -19.69
CA LEU E 88 -25.58 24.00 -19.05
C LEU E 88 -25.64 25.19 -20.03
N SER E 89 -26.45 26.17 -19.66
CA SER E 89 -26.46 27.45 -20.33
C SER E 89 -25.18 28.29 -20.09
N GLN E 90 -24.45 28.02 -19.01
CA GLN E 90 -23.14 28.63 -18.81
C GLN E 90 -22.26 27.62 -18.11
N PRO E 91 -20.94 27.71 -18.31
CA PRO E 91 -20.03 26.78 -17.64
C PRO E 91 -20.23 26.78 -16.12
N LYS E 92 -20.08 25.66 -15.45
CA LYS E 92 -20.18 25.65 -14.00
C LYS E 92 -18.78 25.53 -13.44
N ILE E 93 -18.47 26.35 -12.44
CA ILE E 93 -17.21 26.37 -11.76
C ILE E 93 -17.44 25.80 -10.38
N VAL E 94 -16.68 24.75 -10.04
CA VAL E 94 -16.68 24.19 -8.72
C VAL E 94 -15.29 24.40 -8.08
N LYS E 95 -15.29 25.11 -6.98
CA LYS E 95 -14.04 25.44 -6.22
C LYS E 95 -13.53 24.21 -5.49
N TRP E 96 -12.22 24.00 -5.37
CA TRP E 96 -11.70 22.96 -4.51
C TRP E 96 -11.73 23.38 -3.05
N ASP E 97 -12.21 22.48 -2.20
CA ASP E 97 -12.23 22.67 -0.77
C ASP E 97 -11.48 21.44 -0.27
N ARG E 98 -10.40 21.69 0.46
CA ARG E 98 -9.51 20.67 1.07
C ARG E 98 -10.21 19.64 1.91
N ASP E 99 -11.27 20.07 2.59
CA ASP E 99 -11.98 19.24 3.55
C ASP E 99 -13.10 18.38 2.93
N MET E 100 -13.14 18.26 1.60
CA MET E 100 -14.21 17.56 0.94
C MET E 100 -13.77 16.72 -0.31
N TYR F 1 -10.12 -10.14 -23.62
CA TYR F 1 -10.09 -10.89 -24.90
C TYR F 1 -11.46 -10.57 -25.47
N LEU F 2 -11.52 -9.72 -26.50
CA LEU F 2 -12.77 -9.29 -27.12
C LEU F 2 -13.55 -10.47 -27.76
N ALA F 3 -14.87 -10.36 -27.78
CA ALA F 3 -15.69 -11.26 -28.57
C ALA F 3 -15.47 -11.02 -30.09
N PRO F 4 -15.86 -12.00 -30.91
CA PRO F 4 -15.73 -11.72 -32.34
C PRO F 4 -16.60 -10.55 -32.74
N GLY F 5 -16.28 -10.05 -33.92
CA GLY F 5 -16.91 -8.86 -34.48
C GLY F 5 -18.39 -8.99 -34.43
N PRO F 6 -19.08 -8.02 -33.82
CA PRO F 6 -20.54 -8.13 -33.69
C PRO F 6 -21.37 -8.02 -35.00
N VAL F 7 -22.58 -8.60 -34.96
CA VAL F 7 -23.49 -8.59 -36.08
C VAL F 7 -24.17 -7.23 -36.05
N THR F 8 -24.42 -6.65 -37.20
CA THR F 8 -25.11 -5.35 -37.20
C THR F 8 -26.56 -5.47 -36.73
N ALA F 9 -27.12 -4.39 -36.16
CA ALA F 9 -28.56 -4.31 -35.77
C ALA F 9 -29.63 -4.22 -36.93
C1 GOL G . 17.25 -1.61 18.23
O1 GOL G . 17.96 -2.74 18.78
C2 GOL G . 18.19 -0.63 17.52
O2 GOL G . 17.46 -0.07 16.46
C3 GOL G . 18.69 0.52 18.40
O3 GOL G . 18.21 1.80 17.96
C1 EDO H . 38.36 -37.08 13.54
O1 EDO H . 38.15 -35.78 12.96
C2 EDO H . 39.83 -37.43 13.44
O2 EDO H . 40.21 -37.36 12.08
S SO4 I . -2.91 1.39 -1.36
O1 SO4 I . -3.33 1.11 0.02
O2 SO4 I . -1.53 0.86 -1.61
O3 SO4 I . -2.98 2.87 -1.57
O4 SO4 I . -3.82 0.75 -2.32
S SO4 J . 20.97 -24.78 25.43
O1 SO4 J . 22.22 -24.00 25.40
O2 SO4 J . 20.81 -25.38 26.79
O3 SO4 J . 21.05 -25.88 24.45
O4 SO4 J . 19.86 -23.83 25.12
S SO4 K . 26.56 19.99 17.95
O1 SO4 K . 28.00 20.26 17.77
O2 SO4 K . 26.16 20.28 19.34
O3 SO4 K . 26.29 18.55 17.70
O4 SO4 K . 25.79 20.87 17.03
C1 EDO L . 20.50 -20.77 14.45
O1 EDO L . 21.77 -20.12 14.72
C2 EDO L . 20.41 -21.28 13.02
O2 EDO L . 19.13 -21.89 12.83
C1 EDO M . 17.91 -20.47 22.62
O1 EDO M . 17.57 -20.92 21.34
C2 EDO M . 17.63 -21.64 23.52
O2 EDO M . 17.56 -21.11 24.85
S SO4 N . 21.32 3.91 9.39
O1 SO4 N . 20.41 3.15 10.29
O2 SO4 N . 22.71 3.95 9.91
O3 SO4 N . 20.84 5.30 9.21
O4 SO4 N . 21.30 3.22 8.08
S SO4 O . 6.95 -4.56 3.42
O1 SO4 O . 7.43 -5.08 4.73
O2 SO4 O . 6.86 -3.08 3.46
O3 SO4 O . 7.87 -4.94 2.30
O4 SO4 O . 5.59 -5.13 3.24
C1 EDO P . 13.81 17.04 7.08
O1 EDO P . 12.97 18.17 6.80
C2 EDO P . 14.45 16.59 5.79
O2 EDO P . 13.57 15.82 4.96
C1 EDO Q . -24.67 -8.39 -31.80
O1 EDO Q . -24.31 -7.04 -32.10
C2 EDO Q . -23.47 -9.23 -31.35
O2 EDO Q . -23.08 -10.04 -32.48
S SO4 R . -16.29 -1.17 -14.11
O1 SO4 R . -16.62 -2.63 -14.16
O2 SO4 R . -15.49 -0.78 -12.90
O3 SO4 R . -15.56 -0.86 -15.35
O4 SO4 R . -17.48 -0.30 -14.20
C1 EDO S . -15.67 11.71 -27.14
O1 EDO S . -15.61 11.71 -25.71
C2 EDO S . -17.11 11.66 -27.59
O2 EDO S . -17.83 12.60 -26.76
S SO4 T . -8.97 13.71 -0.33
O1 SO4 T . -7.51 13.45 -0.06
O2 SO4 T . -9.53 14.13 1.00
O3 SO4 T . -9.34 14.73 -1.37
O4 SO4 T . -9.56 12.45 -0.78
#